data_1EPS
# 
_entry.id   1EPS 
# 
_audit_conform.dict_name       mmcif_pdbx.dic 
_audit_conform.dict_version    5.385 
_audit_conform.dict_location   http://mmcif.pdb.org/dictionaries/ascii/mmcif_pdbx.dic 
# 
loop_
_database_2.database_id 
_database_2.database_code 
_database_2.pdbx_database_accession 
_database_2.pdbx_DOI 
PDB   1EPS         pdb_00001eps 10.2210/pdb1eps/pdb 
WWPDB D_1000173123 ?            ?                   
# 
loop_
_pdbx_audit_revision_history.ordinal 
_pdbx_audit_revision_history.data_content_type 
_pdbx_audit_revision_history.major_revision 
_pdbx_audit_revision_history.minor_revision 
_pdbx_audit_revision_history.revision_date 
1 'Structure model' 1 0 1993-07-15 
2 'Structure model' 1 1 2008-03-24 
3 'Structure model' 1 2 2011-07-13 
4 'Structure model' 1 3 2013-01-16 
5 'Structure model' 1 4 2024-02-07 
# 
_pdbx_audit_revision_details.ordinal             1 
_pdbx_audit_revision_details.revision_ordinal    1 
_pdbx_audit_revision_details.data_content_type   'Structure model' 
_pdbx_audit_revision_details.provider            repository 
_pdbx_audit_revision_details.type                'Initial release' 
_pdbx_audit_revision_details.description         ? 
_pdbx_audit_revision_details.details             ? 
# 
loop_
_pdbx_audit_revision_group.ordinal 
_pdbx_audit_revision_group.revision_ordinal 
_pdbx_audit_revision_group.data_content_type 
_pdbx_audit_revision_group.group 
1 2 'Structure model' 'Version format compliance' 
2 3 'Structure model' 'Version format compliance' 
3 4 'Structure model' 'Structure summary'         
4 5 'Structure model' 'Data collection'           
5 5 'Structure model' 'Database references'       
6 5 'Structure model' Other                       
# 
loop_
_pdbx_audit_revision_category.ordinal 
_pdbx_audit_revision_category.revision_ordinal 
_pdbx_audit_revision_category.data_content_type 
_pdbx_audit_revision_category.category 
1 5 'Structure model' chem_comp_atom       
2 5 'Structure model' chem_comp_bond       
3 5 'Structure model' database_2           
4 5 'Structure model' pdbx_database_status 
# 
loop_
_pdbx_audit_revision_item.ordinal 
_pdbx_audit_revision_item.revision_ordinal 
_pdbx_audit_revision_item.data_content_type 
_pdbx_audit_revision_item.item 
1 5 'Structure model' '_database_2.pdbx_DOI'                
2 5 'Structure model' '_database_2.pdbx_database_accession' 
3 5 'Structure model' '_pdbx_database_status.process_site'  
# 
_pdbx_database_status.status_code                     REL 
_pdbx_database_status.entry_id                        1EPS 
_pdbx_database_status.recvd_initial_deposition_date   1991-04-05 
_pdbx_database_status.deposit_site                    ? 
_pdbx_database_status.process_site                    BNL 
_pdbx_database_status.SG_entry                        . 
_pdbx_database_status.status_code_sf                  ? 
_pdbx_database_status.status_code_mr                  ? 
_pdbx_database_status.status_code_cs                  ? 
_pdbx_database_status.methods_development_category    ? 
_pdbx_database_status.pdb_format_compatible           Y 
_pdbx_database_status.status_code_nmr_data            ? 
# 
loop_
_audit_author.name 
_audit_author.pdbx_ordinal 
'Stallings, W.C.'    1  
'Abdel-Meguid, S.S.' 2  
'Lim, L.W.'          3  
'Shieh, H.-S.'       4  
'Dayringer, H.E.'    5  
'Leimgruber, N.K.'   6  
'Stegeman, R.A.'     7  
'Anderson, K.S.'     8  
'Sikorski, J.A.'     9  
'Padgette, S.R.'     10 
'Kishore, G.M.'      11 
# 
_citation.id                        primary 
_citation.title                     
;Structure and topological symmetry of the glyphosate target 5-enolpyruvylshikimate-3-phosphate synthase: a distinctive protein fold.
;
_citation.journal_abbrev            Proc.Natl.Acad.Sci.USA 
_citation.journal_volume            88 
_citation.page_first                5046 
_citation.page_last                 5050 
_citation.year                      1991 
_citation.journal_id_ASTM           PNASA6 
_citation.country                   US 
_citation.journal_id_ISSN           0027-8424 
_citation.journal_id_CSD            0040 
_citation.book_publisher            ? 
_citation.pdbx_database_id_PubMed   11607190 
_citation.pdbx_database_id_DOI      10.1073/pnas.88.11.5046 
# 
loop_
_citation_author.citation_id 
_citation_author.name 
_citation_author.ordinal 
_citation_author.identifier_ORCID 
primary 'Stallings, W.C.'    1  ? 
primary 'Abdel-Meguid, S.S.' 2  ? 
primary 'Lim, L.W.'          3  ? 
primary 'Shieh, H.S.'        4  ? 
primary 'Dayringer, H.E.'    5  ? 
primary 'Leimgruber, N.K.'   6  ? 
primary 'Stegeman, R.A.'     7  ? 
primary 'Anderson, K.S.'     8  ? 
primary 'Sikorski, J.A.'     9  ? 
primary 'Padgette, S.R.'     10 ? 
primary 'Kishore, G.M.'      11 ? 
# 
_entity.id                         1 
_entity.type                       polymer 
_entity.src_method                 man 
_entity.pdbx_description           '5-ENOL-PYRUVYL-3-PHOSPHATE SYNTHASE' 
_entity.formula_weight             46211.734 
_entity.pdbx_number_of_molecules   1 
_entity.pdbx_ec                    2.5.1.19 
_entity.pdbx_mutation              ? 
_entity.pdbx_fragment              ? 
_entity.details                    ? 
# 
_entity_poly.entity_id                      1 
_entity_poly.type                           'polypeptide(L)' 
_entity_poly.nstd_linkage                   no 
_entity_poly.nstd_monomer                   no 
_entity_poly.pdbx_seq_one_letter_code       
;MESLTLQPIARVDGTINLPGSKTVSNRALLLAALAHGKTVLTNLLDSDDVRHMLNALTALGVSYTLSADRTRCEIIGNGG
PLHAEGALELFLGNAGTAMRPLAAALCLGSNDIVLTGEPRMKERPIGHLVDALRLGGAKITYLEQENYPPLRLQGGFTGG
NVDVDGSVSSQFLTALLMTAPLAPEDTVIRIKGDLVSKPYIDITLNLMKTFGVEIENQHYQQFVVKGGQSYQSPGTYLVE
GDASSASYFLAAAAIKGGTVKVTGIGRNSMQGDIRFADVLEKMGATICWGDDYISCTRGELNAIDMDMNHIPDAAMTIAT
AALFAKGTTRLRNIYNWRVKETDRLFAMATELRKVGAEVEEGHDYIRITPPEKLNFAEIATYNDHRMAMCFSLVALSDTP
VTILDPKCTAKTFPDYFEQLARISQAA
;
_entity_poly.pdbx_seq_one_letter_code_can   
;MESLTLQPIARVDGTINLPGSKTVSNRALLLAALAHGKTVLTNLLDSDDVRHMLNALTALGVSYTLSADRTRCEIIGNGG
PLHAEGALELFLGNAGTAMRPLAAALCLGSNDIVLTGEPRMKERPIGHLVDALRLGGAKITYLEQENYPPLRLQGGFTGG
NVDVDGSVSSQFLTALLMTAPLAPEDTVIRIKGDLVSKPYIDITLNLMKTFGVEIENQHYQQFVVKGGQSYQSPGTYLVE
GDASSASYFLAAAAIKGGTVKVTGIGRNSMQGDIRFADVLEKMGATICWGDDYISCTRGELNAIDMDMNHIPDAAMTIAT
AALFAKGTTRLRNIYNWRVKETDRLFAMATELRKVGAEVEEGHDYIRITPPEKLNFAEIATYNDHRMAMCFSLVALSDTP
VTILDPKCTAKTFPDYFEQLARISQAA
;
_entity_poly.pdbx_strand_id                 A 
_entity_poly.pdbx_target_identifier         ? 
# 
loop_
_entity_poly_seq.entity_id 
_entity_poly_seq.num 
_entity_poly_seq.mon_id 
_entity_poly_seq.hetero 
1 1   MET n 
1 2   GLU n 
1 3   SER n 
1 4   LEU n 
1 5   THR n 
1 6   LEU n 
1 7   GLN n 
1 8   PRO n 
1 9   ILE n 
1 10  ALA n 
1 11  ARG n 
1 12  VAL n 
1 13  ASP n 
1 14  GLY n 
1 15  THR n 
1 16  ILE n 
1 17  ASN n 
1 18  LEU n 
1 19  PRO n 
1 20  GLY n 
1 21  SER n 
1 22  LYS n 
1 23  THR n 
1 24  VAL n 
1 25  SER n 
1 26  ASN n 
1 27  ARG n 
1 28  ALA n 
1 29  LEU n 
1 30  LEU n 
1 31  LEU n 
1 32  ALA n 
1 33  ALA n 
1 34  LEU n 
1 35  ALA n 
1 36  HIS n 
1 37  GLY n 
1 38  LYS n 
1 39  THR n 
1 40  VAL n 
1 41  LEU n 
1 42  THR n 
1 43  ASN n 
1 44  LEU n 
1 45  LEU n 
1 46  ASP n 
1 47  SER n 
1 48  ASP n 
1 49  ASP n 
1 50  VAL n 
1 51  ARG n 
1 52  HIS n 
1 53  MET n 
1 54  LEU n 
1 55  ASN n 
1 56  ALA n 
1 57  LEU n 
1 58  THR n 
1 59  ALA n 
1 60  LEU n 
1 61  GLY n 
1 62  VAL n 
1 63  SER n 
1 64  TYR n 
1 65  THR n 
1 66  LEU n 
1 67  SER n 
1 68  ALA n 
1 69  ASP n 
1 70  ARG n 
1 71  THR n 
1 72  ARG n 
1 73  CYS n 
1 74  GLU n 
1 75  ILE n 
1 76  ILE n 
1 77  GLY n 
1 78  ASN n 
1 79  GLY n 
1 80  GLY n 
1 81  PRO n 
1 82  LEU n 
1 83  HIS n 
1 84  ALA n 
1 85  GLU n 
1 86  GLY n 
1 87  ALA n 
1 88  LEU n 
1 89  GLU n 
1 90  LEU n 
1 91  PHE n 
1 92  LEU n 
1 93  GLY n 
1 94  ASN n 
1 95  ALA n 
1 96  GLY n 
1 97  THR n 
1 98  ALA n 
1 99  MET n 
1 100 ARG n 
1 101 PRO n 
1 102 LEU n 
1 103 ALA n 
1 104 ALA n 
1 105 ALA n 
1 106 LEU n 
1 107 CYS n 
1 108 LEU n 
1 109 GLY n 
1 110 SER n 
1 111 ASN n 
1 112 ASP n 
1 113 ILE n 
1 114 VAL n 
1 115 LEU n 
1 116 THR n 
1 117 GLY n 
1 118 GLU n 
1 119 PRO n 
1 120 ARG n 
1 121 MET n 
1 122 LYS n 
1 123 GLU n 
1 124 ARG n 
1 125 PRO n 
1 126 ILE n 
1 127 GLY n 
1 128 HIS n 
1 129 LEU n 
1 130 VAL n 
1 131 ASP n 
1 132 ALA n 
1 133 LEU n 
1 134 ARG n 
1 135 LEU n 
1 136 GLY n 
1 137 GLY n 
1 138 ALA n 
1 139 LYS n 
1 140 ILE n 
1 141 THR n 
1 142 TYR n 
1 143 LEU n 
1 144 GLU n 
1 145 GLN n 
1 146 GLU n 
1 147 ASN n 
1 148 TYR n 
1 149 PRO n 
1 150 PRO n 
1 151 LEU n 
1 152 ARG n 
1 153 LEU n 
1 154 GLN n 
1 155 GLY n 
1 156 GLY n 
1 157 PHE n 
1 158 THR n 
1 159 GLY n 
1 160 GLY n 
1 161 ASN n 
1 162 VAL n 
1 163 ASP n 
1 164 VAL n 
1 165 ASP n 
1 166 GLY n 
1 167 SER n 
1 168 VAL n 
1 169 SER n 
1 170 SER n 
1 171 GLN n 
1 172 PHE n 
1 173 LEU n 
1 174 THR n 
1 175 ALA n 
1 176 LEU n 
1 177 LEU n 
1 178 MET n 
1 179 THR n 
1 180 ALA n 
1 181 PRO n 
1 182 LEU n 
1 183 ALA n 
1 184 PRO n 
1 185 GLU n 
1 186 ASP n 
1 187 THR n 
1 188 VAL n 
1 189 ILE n 
1 190 ARG n 
1 191 ILE n 
1 192 LYS n 
1 193 GLY n 
1 194 ASP n 
1 195 LEU n 
1 196 VAL n 
1 197 SER n 
1 198 LYS n 
1 199 PRO n 
1 200 TYR n 
1 201 ILE n 
1 202 ASP n 
1 203 ILE n 
1 204 THR n 
1 205 LEU n 
1 206 ASN n 
1 207 LEU n 
1 208 MET n 
1 209 LYS n 
1 210 THR n 
1 211 PHE n 
1 212 GLY n 
1 213 VAL n 
1 214 GLU n 
1 215 ILE n 
1 216 GLU n 
1 217 ASN n 
1 218 GLN n 
1 219 HIS n 
1 220 TYR n 
1 221 GLN n 
1 222 GLN n 
1 223 PHE n 
1 224 VAL n 
1 225 VAL n 
1 226 LYS n 
1 227 GLY n 
1 228 GLY n 
1 229 GLN n 
1 230 SER n 
1 231 TYR n 
1 232 GLN n 
1 233 SER n 
1 234 PRO n 
1 235 GLY n 
1 236 THR n 
1 237 TYR n 
1 238 LEU n 
1 239 VAL n 
1 240 GLU n 
1 241 GLY n 
1 242 ASP n 
1 243 ALA n 
1 244 SER n 
1 245 SER n 
1 246 ALA n 
1 247 SER n 
1 248 TYR n 
1 249 PHE n 
1 250 LEU n 
1 251 ALA n 
1 252 ALA n 
1 253 ALA n 
1 254 ALA n 
1 255 ILE n 
1 256 LYS n 
1 257 GLY n 
1 258 GLY n 
1 259 THR n 
1 260 VAL n 
1 261 LYS n 
1 262 VAL n 
1 263 THR n 
1 264 GLY n 
1 265 ILE n 
1 266 GLY n 
1 267 ARG n 
1 268 ASN n 
1 269 SER n 
1 270 MET n 
1 271 GLN n 
1 272 GLY n 
1 273 ASP n 
1 274 ILE n 
1 275 ARG n 
1 276 PHE n 
1 277 ALA n 
1 278 ASP n 
1 279 VAL n 
1 280 LEU n 
1 281 GLU n 
1 282 LYS n 
1 283 MET n 
1 284 GLY n 
1 285 ALA n 
1 286 THR n 
1 287 ILE n 
1 288 CYS n 
1 289 TRP n 
1 290 GLY n 
1 291 ASP n 
1 292 ASP n 
1 293 TYR n 
1 294 ILE n 
1 295 SER n 
1 296 CYS n 
1 297 THR n 
1 298 ARG n 
1 299 GLY n 
1 300 GLU n 
1 301 LEU n 
1 302 ASN n 
1 303 ALA n 
1 304 ILE n 
1 305 ASP n 
1 306 MET n 
1 307 ASP n 
1 308 MET n 
1 309 ASN n 
1 310 HIS n 
1 311 ILE n 
1 312 PRO n 
1 313 ASP n 
1 314 ALA n 
1 315 ALA n 
1 316 MET n 
1 317 THR n 
1 318 ILE n 
1 319 ALA n 
1 320 THR n 
1 321 ALA n 
1 322 ALA n 
1 323 LEU n 
1 324 PHE n 
1 325 ALA n 
1 326 LYS n 
1 327 GLY n 
1 328 THR n 
1 329 THR n 
1 330 ARG n 
1 331 LEU n 
1 332 ARG n 
1 333 ASN n 
1 334 ILE n 
1 335 TYR n 
1 336 ASN n 
1 337 TRP n 
1 338 ARG n 
1 339 VAL n 
1 340 LYS n 
1 341 GLU n 
1 342 THR n 
1 343 ASP n 
1 344 ARG n 
1 345 LEU n 
1 346 PHE n 
1 347 ALA n 
1 348 MET n 
1 349 ALA n 
1 350 THR n 
1 351 GLU n 
1 352 LEU n 
1 353 ARG n 
1 354 LYS n 
1 355 VAL n 
1 356 GLY n 
1 357 ALA n 
1 358 GLU n 
1 359 VAL n 
1 360 GLU n 
1 361 GLU n 
1 362 GLY n 
1 363 HIS n 
1 364 ASP n 
1 365 TYR n 
1 366 ILE n 
1 367 ARG n 
1 368 ILE n 
1 369 THR n 
1 370 PRO n 
1 371 PRO n 
1 372 GLU n 
1 373 LYS n 
1 374 LEU n 
1 375 ASN n 
1 376 PHE n 
1 377 ALA n 
1 378 GLU n 
1 379 ILE n 
1 380 ALA n 
1 381 THR n 
1 382 TYR n 
1 383 ASN n 
1 384 ASP n 
1 385 HIS n 
1 386 ARG n 
1 387 MET n 
1 388 ALA n 
1 389 MET n 
1 390 CYS n 
1 391 PHE n 
1 392 SER n 
1 393 LEU n 
1 394 VAL n 
1 395 ALA n 
1 396 LEU n 
1 397 SER n 
1 398 ASP n 
1 399 THR n 
1 400 PRO n 
1 401 VAL n 
1 402 THR n 
1 403 ILE n 
1 404 LEU n 
1 405 ASP n 
1 406 PRO n 
1 407 LYS n 
1 408 CYS n 
1 409 THR n 
1 410 ALA n 
1 411 LYS n 
1 412 THR n 
1 413 PHE n 
1 414 PRO n 
1 415 ASP n 
1 416 TYR n 
1 417 PHE n 
1 418 GLU n 
1 419 GLN n 
1 420 LEU n 
1 421 ALA n 
1 422 ARG n 
1 423 ILE n 
1 424 SER n 
1 425 GLN n 
1 426 ALA n 
1 427 ALA n 
# 
_entity_src_gen.entity_id                          1 
_entity_src_gen.pdbx_src_id                        1 
_entity_src_gen.pdbx_alt_source_flag               sample 
_entity_src_gen.pdbx_seq_type                      ? 
_entity_src_gen.pdbx_beg_seq_num                   ? 
_entity_src_gen.pdbx_end_seq_num                   ? 
_entity_src_gen.gene_src_common_name               ? 
_entity_src_gen.gene_src_genus                     Escherichia 
_entity_src_gen.pdbx_gene_src_gene                 ? 
_entity_src_gen.gene_src_species                   ? 
_entity_src_gen.gene_src_strain                    ? 
_entity_src_gen.gene_src_tissue                    ? 
_entity_src_gen.gene_src_tissue_fraction           ? 
_entity_src_gen.gene_src_details                   ? 
_entity_src_gen.pdbx_gene_src_fragment             ? 
_entity_src_gen.pdbx_gene_src_scientific_name      'Escherichia coli' 
_entity_src_gen.pdbx_gene_src_ncbi_taxonomy_id     562 
_entity_src_gen.pdbx_gene_src_variant              ? 
_entity_src_gen.pdbx_gene_src_cell_line            ? 
_entity_src_gen.pdbx_gene_src_atcc                 ? 
_entity_src_gen.pdbx_gene_src_organ                ? 
_entity_src_gen.pdbx_gene_src_organelle            ? 
_entity_src_gen.pdbx_gene_src_cell                 ? 
_entity_src_gen.pdbx_gene_src_cellular_location    ? 
_entity_src_gen.host_org_common_name               ? 
_entity_src_gen.pdbx_host_org_scientific_name      ? 
_entity_src_gen.pdbx_host_org_ncbi_taxonomy_id     ? 
_entity_src_gen.host_org_genus                     ? 
_entity_src_gen.pdbx_host_org_gene                 ? 
_entity_src_gen.pdbx_host_org_organ                ? 
_entity_src_gen.host_org_species                   ? 
_entity_src_gen.pdbx_host_org_tissue               ? 
_entity_src_gen.pdbx_host_org_tissue_fraction      ? 
_entity_src_gen.pdbx_host_org_strain               ? 
_entity_src_gen.pdbx_host_org_variant              ? 
_entity_src_gen.pdbx_host_org_cell_line            ? 
_entity_src_gen.pdbx_host_org_atcc                 ? 
_entity_src_gen.pdbx_host_org_culture_collection   ? 
_entity_src_gen.pdbx_host_org_cell                 ? 
_entity_src_gen.pdbx_host_org_organelle            ? 
_entity_src_gen.pdbx_host_org_cellular_location    ? 
_entity_src_gen.pdbx_host_org_vector_type          ? 
_entity_src_gen.pdbx_host_org_vector               ? 
_entity_src_gen.host_org_details                   ? 
_entity_src_gen.expression_system_id               ? 
_entity_src_gen.plasmid_name                       ? 
_entity_src_gen.plasmid_details                    ? 
_entity_src_gen.pdbx_description                   ? 
# 
loop_
_chem_comp.id 
_chem_comp.type 
_chem_comp.mon_nstd_flag 
_chem_comp.name 
_chem_comp.pdbx_synonyms 
_chem_comp.formula 
_chem_comp.formula_weight 
ALA 'L-peptide linking' y ALANINE         ? 'C3 H7 N O2'     89.093  
ARG 'L-peptide linking' y ARGININE        ? 'C6 H15 N4 O2 1' 175.209 
ASN 'L-peptide linking' y ASPARAGINE      ? 'C4 H8 N2 O3'    132.118 
ASP 'L-peptide linking' y 'ASPARTIC ACID' ? 'C4 H7 N O4'     133.103 
CYS 'L-peptide linking' y CYSTEINE        ? 'C3 H7 N O2 S'   121.158 
GLN 'L-peptide linking' y GLUTAMINE       ? 'C5 H10 N2 O3'   146.144 
GLU 'L-peptide linking' y 'GLUTAMIC ACID' ? 'C5 H9 N O4'     147.129 
GLY 'peptide linking'   y GLYCINE         ? 'C2 H5 N O2'     75.067  
HIS 'L-peptide linking' y HISTIDINE       ? 'C6 H10 N3 O2 1' 156.162 
ILE 'L-peptide linking' y ISOLEUCINE      ? 'C6 H13 N O2'    131.173 
LEU 'L-peptide linking' y LEUCINE         ? 'C6 H13 N O2'    131.173 
LYS 'L-peptide linking' y LYSINE          ? 'C6 H15 N2 O2 1' 147.195 
MET 'L-peptide linking' y METHIONINE      ? 'C5 H11 N O2 S'  149.211 
PHE 'L-peptide linking' y PHENYLALANINE   ? 'C9 H11 N O2'    165.189 
PRO 'L-peptide linking' y PROLINE         ? 'C5 H9 N O2'     115.130 
SER 'L-peptide linking' y SERINE          ? 'C3 H7 N O3'     105.093 
THR 'L-peptide linking' y THREONINE       ? 'C4 H9 N O3'     119.119 
TRP 'L-peptide linking' y TRYPTOPHAN      ? 'C11 H12 N2 O2'  204.225 
TYR 'L-peptide linking' y TYROSINE        ? 'C9 H11 N O3'    181.189 
VAL 'L-peptide linking' y VALINE          ? 'C5 H11 N O2'    117.146 
# 
loop_
_pdbx_poly_seq_scheme.asym_id 
_pdbx_poly_seq_scheme.entity_id 
_pdbx_poly_seq_scheme.seq_id 
_pdbx_poly_seq_scheme.mon_id 
_pdbx_poly_seq_scheme.ndb_seq_num 
_pdbx_poly_seq_scheme.pdb_seq_num 
_pdbx_poly_seq_scheme.auth_seq_num 
_pdbx_poly_seq_scheme.pdb_mon_id 
_pdbx_poly_seq_scheme.auth_mon_id 
_pdbx_poly_seq_scheme.pdb_strand_id 
_pdbx_poly_seq_scheme.pdb_ins_code 
_pdbx_poly_seq_scheme.hetero 
A 1 1   MET 1   1   1   MET MET A . n 
A 1 2   GLU 2   2   2   GLU GLU A . n 
A 1 3   SER 3   3   3   SER SER A . n 
A 1 4   LEU 4   4   4   LEU LEU A . n 
A 1 5   THR 5   5   5   THR THR A . n 
A 1 6   LEU 6   6   6   LEU LEU A . n 
A 1 7   GLN 7   7   7   GLN GLN A . n 
A 1 8   PRO 8   8   8   PRO PRO A . n 
A 1 9   ILE 9   9   9   ILE ILE A . n 
A 1 10  ALA 10  10  10  ALA ALA A . n 
A 1 11  ARG 11  11  11  ARG ARG A . n 
A 1 12  VAL 12  12  12  VAL VAL A . n 
A 1 13  ASP 13  13  13  ASP ASP A . n 
A 1 14  GLY 14  14  14  GLY GLY A . n 
A 1 15  THR 15  15  15  THR THR A . n 
A 1 16  ILE 16  16  16  ILE ILE A . n 
A 1 17  ASN 17  17  17  ASN ASN A . n 
A 1 18  LEU 18  18  18  LEU LEU A . n 
A 1 19  PRO 19  19  19  PRO PRO A . n 
A 1 20  GLY 20  20  20  GLY GLY A . n 
A 1 21  SER 21  21  21  SER SER A . n 
A 1 22  LYS 22  22  22  LYS LYS A . n 
A 1 23  THR 23  23  23  THR THR A . n 
A 1 24  VAL 24  24  24  VAL VAL A . n 
A 1 25  SER 25  25  25  SER SER A . n 
A 1 26  ASN 26  26  26  ASN ASN A . n 
A 1 27  ARG 27  27  27  ARG ARG A . n 
A 1 28  ALA 28  28  28  ALA ALA A . n 
A 1 29  LEU 29  29  29  LEU LEU A . n 
A 1 30  LEU 30  30  30  LEU LEU A . n 
A 1 31  LEU 31  31  31  LEU LEU A . n 
A 1 32  ALA 32  32  32  ALA ALA A . n 
A 1 33  ALA 33  33  33  ALA ALA A . n 
A 1 34  LEU 34  34  34  LEU LEU A . n 
A 1 35  ALA 35  35  35  ALA ALA A . n 
A 1 36  HIS 36  36  36  HIS HIS A . n 
A 1 37  GLY 37  37  37  GLY GLY A . n 
A 1 38  LYS 38  38  38  LYS LYS A . n 
A 1 39  THR 39  39  39  THR THR A . n 
A 1 40  VAL 40  40  40  VAL VAL A . n 
A 1 41  LEU 41  41  41  LEU LEU A . n 
A 1 42  THR 42  42  42  THR THR A . n 
A 1 43  ASN 43  43  43  ASN ASN A . n 
A 1 44  LEU 44  44  44  LEU LEU A . n 
A 1 45  LEU 45  45  45  LEU LEU A . n 
A 1 46  ASP 46  46  46  ASP ASP A . n 
A 1 47  SER 47  47  47  SER SER A . n 
A 1 48  ASP 48  48  48  ASP ASP A . n 
A 1 49  ASP 49  49  49  ASP ASP A . n 
A 1 50  VAL 50  50  50  VAL VAL A . n 
A 1 51  ARG 51  51  51  ARG ARG A . n 
A 1 52  HIS 52  52  52  HIS HIS A . n 
A 1 53  MET 53  53  53  MET MET A . n 
A 1 54  LEU 54  54  54  LEU LEU A . n 
A 1 55  ASN 55  55  55  ASN ASN A . n 
A 1 56  ALA 56  56  56  ALA ALA A . n 
A 1 57  LEU 57  57  57  LEU LEU A . n 
A 1 58  THR 58  58  58  THR THR A . n 
A 1 59  ALA 59  59  59  ALA ALA A . n 
A 1 60  LEU 60  60  60  LEU LEU A . n 
A 1 61  GLY 61  61  61  GLY GLY A . n 
A 1 62  VAL 62  62  62  VAL VAL A . n 
A 1 63  SER 63  63  63  SER SER A . n 
A 1 64  TYR 64  64  64  TYR TYR A . n 
A 1 65  THR 65  65  65  THR THR A . n 
A 1 66  LEU 66  66  66  LEU LEU A . n 
A 1 67  SER 67  67  67  SER SER A . n 
A 1 68  ALA 68  68  68  ALA ALA A . n 
A 1 69  ASP 69  69  69  ASP ASP A . n 
A 1 70  ARG 70  70  70  ARG ARG A . n 
A 1 71  THR 71  71  71  THR THR A . n 
A 1 72  ARG 72  72  72  ARG ARG A . n 
A 1 73  CYS 73  73  73  CYS CYS A . n 
A 1 74  GLU 74  74  74  GLU GLU A . n 
A 1 75  ILE 75  75  75  ILE ILE A . n 
A 1 76  ILE 76  76  76  ILE ILE A . n 
A 1 77  GLY 77  77  77  GLY GLY A . n 
A 1 78  ASN 78  78  78  ASN ASN A . n 
A 1 79  GLY 79  79  79  GLY GLY A . n 
A 1 80  GLY 80  80  80  GLY GLY A . n 
A 1 81  PRO 81  81  81  PRO PRO A . n 
A 1 82  LEU 82  82  82  LEU LEU A . n 
A 1 83  HIS 83  83  83  HIS HIS A . n 
A 1 84  ALA 84  84  84  ALA ALA A . n 
A 1 85  GLU 85  85  85  GLU GLU A . n 
A 1 86  GLY 86  86  86  GLY GLY A . n 
A 1 87  ALA 87  87  87  ALA ALA A . n 
A 1 88  LEU 88  88  88  LEU LEU A . n 
A 1 89  GLU 89  89  89  GLU GLU A . n 
A 1 90  LEU 90  90  90  LEU LEU A . n 
A 1 91  PHE 91  91  91  PHE PHE A . n 
A 1 92  LEU 92  92  92  LEU LEU A . n 
A 1 93  GLY 93  93  93  GLY GLY A . n 
A 1 94  ASN 94  94  94  ASN ASN A . n 
A 1 95  ALA 95  95  95  ALA ALA A . n 
A 1 96  GLY 96  96  96  GLY GLY A . n 
A 1 97  THR 97  97  97  THR THR A . n 
A 1 98  ALA 98  98  98  ALA ALA A . n 
A 1 99  MET 99  99  99  MET MET A . n 
A 1 100 ARG 100 100 100 ARG ARG A . n 
A 1 101 PRO 101 101 101 PRO PRO A . n 
A 1 102 LEU 102 102 102 LEU LEU A . n 
A 1 103 ALA 103 103 103 ALA ALA A . n 
A 1 104 ALA 104 104 104 ALA ALA A . n 
A 1 105 ALA 105 105 105 ALA ALA A . n 
A 1 106 LEU 106 106 106 LEU LEU A . n 
A 1 107 CYS 107 107 107 CYS CYS A . n 
A 1 108 LEU 108 108 108 LEU LEU A . n 
A 1 109 GLY 109 109 109 GLY GLY A . n 
A 1 110 SER 110 110 110 SER SER A . n 
A 1 111 ASN 111 111 111 ASN ASN A . n 
A 1 112 ASP 112 112 112 ASP ASP A . n 
A 1 113 ILE 113 113 113 ILE ILE A . n 
A 1 114 VAL 114 114 114 VAL VAL A . n 
A 1 115 LEU 115 115 115 LEU LEU A . n 
A 1 116 THR 116 116 116 THR THR A . n 
A 1 117 GLY 117 117 117 GLY GLY A . n 
A 1 118 GLU 118 118 118 GLU GLU A . n 
A 1 119 PRO 119 119 119 PRO PRO A . n 
A 1 120 ARG 120 120 120 ARG ARG A . n 
A 1 121 MET 121 121 121 MET MET A . n 
A 1 122 LYS 122 122 122 LYS LYS A . n 
A 1 123 GLU 123 123 123 GLU GLU A . n 
A 1 124 ARG 124 124 124 ARG ARG A . n 
A 1 125 PRO 125 125 125 PRO PRO A . n 
A 1 126 ILE 126 126 126 ILE ILE A . n 
A 1 127 GLY 127 127 127 GLY GLY A . n 
A 1 128 HIS 128 128 128 HIS HIS A . n 
A 1 129 LEU 129 129 129 LEU LEU A . n 
A 1 130 VAL 130 130 130 VAL VAL A . n 
A 1 131 ASP 131 131 131 ASP ASP A . n 
A 1 132 ALA 132 132 132 ALA ALA A . n 
A 1 133 LEU 133 133 133 LEU LEU A . n 
A 1 134 ARG 134 134 134 ARG ARG A . n 
A 1 135 LEU 135 135 135 LEU LEU A . n 
A 1 136 GLY 136 136 136 GLY GLY A . n 
A 1 137 GLY 137 137 137 GLY GLY A . n 
A 1 138 ALA 138 138 138 ALA ALA A . n 
A 1 139 LYS 139 139 139 LYS LYS A . n 
A 1 140 ILE 140 140 140 ILE ILE A . n 
A 1 141 THR 141 141 141 THR THR A . n 
A 1 142 TYR 142 142 142 TYR TYR A . n 
A 1 143 LEU 143 143 143 LEU LEU A . n 
A 1 144 GLU 144 144 144 GLU GLU A . n 
A 1 145 GLN 145 145 145 GLN GLN A . n 
A 1 146 GLU 146 146 146 GLU GLU A . n 
A 1 147 ASN 147 147 147 ASN ASN A . n 
A 1 148 TYR 148 148 148 TYR TYR A . n 
A 1 149 PRO 149 149 149 PRO PRO A . n 
A 1 150 PRO 150 150 150 PRO PRO A . n 
A 1 151 LEU 151 151 151 LEU LEU A . n 
A 1 152 ARG 152 152 152 ARG ARG A . n 
A 1 153 LEU 153 153 153 LEU LEU A . n 
A 1 154 GLN 154 154 154 GLN GLN A . n 
A 1 155 GLY 155 155 155 GLY GLY A . n 
A 1 156 GLY 156 156 156 GLY GLY A . n 
A 1 157 PHE 157 157 157 PHE PHE A . n 
A 1 158 THR 158 158 158 THR THR A . n 
A 1 159 GLY 159 159 159 GLY GLY A . n 
A 1 160 GLY 160 160 160 GLY GLY A . n 
A 1 161 ASN 161 161 161 ASN ASN A . n 
A 1 162 VAL 162 162 162 VAL VAL A . n 
A 1 163 ASP 163 163 163 ASP ASP A . n 
A 1 164 VAL 164 164 164 VAL VAL A . n 
A 1 165 ASP 165 165 165 ASP ASP A . n 
A 1 166 GLY 166 166 166 GLY GLY A . n 
A 1 167 SER 167 167 167 SER SER A . n 
A 1 168 VAL 168 168 168 VAL VAL A . n 
A 1 169 SER 169 169 169 SER SER A . n 
A 1 170 SER 170 170 170 SER SER A . n 
A 1 171 GLN 171 171 171 GLN GLN A . n 
A 1 172 PHE 172 172 172 PHE PHE A . n 
A 1 173 LEU 173 173 173 LEU LEU A . n 
A 1 174 THR 174 174 174 THR THR A . n 
A 1 175 ALA 175 175 175 ALA ALA A . n 
A 1 176 LEU 176 176 176 LEU LEU A . n 
A 1 177 LEU 177 177 177 LEU LEU A . n 
A 1 178 MET 178 178 178 MET MET A . n 
A 1 179 THR 179 179 179 THR THR A . n 
A 1 180 ALA 180 180 180 ALA ALA A . n 
A 1 181 PRO 181 181 181 PRO PRO A . n 
A 1 182 LEU 182 182 182 LEU LEU A . n 
A 1 183 ALA 183 183 183 ALA ALA A . n 
A 1 184 PRO 184 184 184 PRO PRO A . n 
A 1 185 GLU 185 185 185 GLU GLU A . n 
A 1 186 ASP 186 186 186 ASP ASP A . n 
A 1 187 THR 187 187 187 THR THR A . n 
A 1 188 VAL 188 188 188 VAL VAL A . n 
A 1 189 ILE 189 189 189 ILE ILE A . n 
A 1 190 ARG 190 190 190 ARG ARG A . n 
A 1 191 ILE 191 191 191 ILE ILE A . n 
A 1 192 LYS 192 192 192 LYS LYS A . n 
A 1 193 GLY 193 193 193 GLY GLY A . n 
A 1 194 ASP 194 194 194 ASP ASP A . n 
A 1 195 LEU 195 195 195 LEU LEU A . n 
A 1 196 VAL 196 196 196 VAL VAL A . n 
A 1 197 SER 197 197 197 SER SER A . n 
A 1 198 LYS 198 198 198 LYS LYS A . n 
A 1 199 PRO 199 199 199 PRO PRO A . n 
A 1 200 TYR 200 200 200 TYR TYR A . n 
A 1 201 ILE 201 201 201 ILE ILE A . n 
A 1 202 ASP 202 202 202 ASP ASP A . n 
A 1 203 ILE 203 203 203 ILE ILE A . n 
A 1 204 THR 204 204 204 THR THR A . n 
A 1 205 LEU 205 205 205 LEU LEU A . n 
A 1 206 ASN 206 206 206 ASN ASN A . n 
A 1 207 LEU 207 207 207 LEU LEU A . n 
A 1 208 MET 208 208 208 MET MET A . n 
A 1 209 LYS 209 209 209 LYS LYS A . n 
A 1 210 THR 210 210 210 THR THR A . n 
A 1 211 PHE 211 211 211 PHE PHE A . n 
A 1 212 GLY 212 212 212 GLY GLY A . n 
A 1 213 VAL 213 213 213 VAL VAL A . n 
A 1 214 GLU 214 214 214 GLU GLU A . n 
A 1 215 ILE 215 215 215 ILE ILE A . n 
A 1 216 GLU 216 216 216 GLU GLU A . n 
A 1 217 ASN 217 217 217 ASN ASN A . n 
A 1 218 GLN 218 218 218 GLN GLN A . n 
A 1 219 HIS 219 219 219 HIS HIS A . n 
A 1 220 TYR 220 220 220 TYR TYR A . n 
A 1 221 GLN 221 221 221 GLN GLN A . n 
A 1 222 GLN 222 222 222 GLN GLN A . n 
A 1 223 PHE 223 223 223 PHE PHE A . n 
A 1 224 VAL 224 224 224 VAL VAL A . n 
A 1 225 VAL 225 225 225 VAL VAL A . n 
A 1 226 LYS 226 226 226 LYS LYS A . n 
A 1 227 GLY 227 227 227 GLY GLY A . n 
A 1 228 GLY 228 228 228 GLY GLY A . n 
A 1 229 GLN 229 229 229 GLN GLN A . n 
A 1 230 SER 230 230 230 SER SER A . n 
A 1 231 TYR 231 231 231 TYR TYR A . n 
A 1 232 GLN 232 232 232 GLN GLN A . n 
A 1 233 SER 233 233 233 SER SER A . n 
A 1 234 PRO 234 234 234 PRO PRO A . n 
A 1 235 GLY 235 235 235 GLY GLY A . n 
A 1 236 THR 236 236 236 THR THR A . n 
A 1 237 TYR 237 237 237 TYR TYR A . n 
A 1 238 LEU 238 238 238 LEU LEU A . n 
A 1 239 VAL 239 239 239 VAL VAL A . n 
A 1 240 GLU 240 240 240 GLU GLU A . n 
A 1 241 GLY 241 241 241 GLY GLY A . n 
A 1 242 ASP 242 242 242 ASP ASP A . n 
A 1 243 ALA 243 243 243 ALA ALA A . n 
A 1 244 SER 244 244 244 SER SER A . n 
A 1 245 SER 245 245 245 SER SER A . n 
A 1 246 ALA 246 246 246 ALA ALA A . n 
A 1 247 SER 247 247 247 SER SER A . n 
A 1 248 TYR 248 248 248 TYR TYR A . n 
A 1 249 PHE 249 249 249 PHE PHE A . n 
A 1 250 LEU 250 250 250 LEU LEU A . n 
A 1 251 ALA 251 251 251 ALA ALA A . n 
A 1 252 ALA 252 252 252 ALA ALA A . n 
A 1 253 ALA 253 253 253 ALA ALA A . n 
A 1 254 ALA 254 254 254 ALA ALA A . n 
A 1 255 ILE 255 255 255 ILE ILE A . n 
A 1 256 LYS 256 256 256 LYS LYS A . n 
A 1 257 GLY 257 257 257 GLY GLY A . n 
A 1 258 GLY 258 258 258 GLY GLY A . n 
A 1 259 THR 259 259 259 THR THR A . n 
A 1 260 VAL 260 260 260 VAL VAL A . n 
A 1 261 LYS 261 261 261 LYS LYS A . n 
A 1 262 VAL 262 262 262 VAL VAL A . n 
A 1 263 THR 263 263 263 THR THR A . n 
A 1 264 GLY 264 264 264 GLY GLY A . n 
A 1 265 ILE 265 265 265 ILE ILE A . n 
A 1 266 GLY 266 266 266 GLY GLY A . n 
A 1 267 ARG 267 267 267 ARG ARG A . n 
A 1 268 ASN 268 268 268 ASN ASN A . n 
A 1 269 SER 269 269 269 SER SER A . n 
A 1 270 MET 270 270 270 MET MET A . n 
A 1 271 GLN 271 271 271 GLN GLN A . n 
A 1 272 GLY 272 272 272 GLY GLY A . n 
A 1 273 ASP 273 273 273 ASP ASP A . n 
A 1 274 ILE 274 274 274 ILE ILE A . n 
A 1 275 ARG 275 275 275 ARG ARG A . n 
A 1 276 PHE 276 276 276 PHE PHE A . n 
A 1 277 ALA 277 277 277 ALA ALA A . n 
A 1 278 ASP 278 278 278 ASP ASP A . n 
A 1 279 VAL 279 279 279 VAL VAL A . n 
A 1 280 LEU 280 280 280 LEU LEU A . n 
A 1 281 GLU 281 281 281 GLU GLU A . n 
A 1 282 LYS 282 282 282 LYS LYS A . n 
A 1 283 MET 283 283 283 MET MET A . n 
A 1 284 GLY 284 284 284 GLY GLY A . n 
A 1 285 ALA 285 285 285 ALA ALA A . n 
A 1 286 THR 286 286 286 THR THR A . n 
A 1 287 ILE 287 287 287 ILE ILE A . n 
A 1 288 CYS 288 288 288 CYS CYS A . n 
A 1 289 TRP 289 289 289 TRP TRP A . n 
A 1 290 GLY 290 290 290 GLY GLY A . n 
A 1 291 ASP 291 291 291 ASP ASP A . n 
A 1 292 ASP 292 292 292 ASP ASP A . n 
A 1 293 TYR 293 293 293 TYR TYR A . n 
A 1 294 ILE 294 294 294 ILE ILE A . n 
A 1 295 SER 295 295 295 SER SER A . n 
A 1 296 CYS 296 296 296 CYS CYS A . n 
A 1 297 THR 297 297 297 THR THR A . n 
A 1 298 ARG 298 298 298 ARG ARG A . n 
A 1 299 GLY 299 299 299 GLY GLY A . n 
A 1 300 GLU 300 300 300 GLU GLU A . n 
A 1 301 LEU 301 301 301 LEU LEU A . n 
A 1 302 ASN 302 302 302 ASN ASN A . n 
A 1 303 ALA 303 303 303 ALA ALA A . n 
A 1 304 ILE 304 304 304 ILE ILE A . n 
A 1 305 ASP 305 305 305 ASP ASP A . n 
A 1 306 MET 306 306 306 MET MET A . n 
A 1 307 ASP 307 307 307 ASP ASP A . n 
A 1 308 MET 308 308 308 MET MET A . n 
A 1 309 ASN 309 309 309 ASN ASN A . n 
A 1 310 HIS 310 310 310 HIS HIS A . n 
A 1 311 ILE 311 311 311 ILE ILE A . n 
A 1 312 PRO 312 312 312 PRO PRO A . n 
A 1 313 ASP 313 313 313 ASP ASP A . n 
A 1 314 ALA 314 314 314 ALA ALA A . n 
A 1 315 ALA 315 315 315 ALA ALA A . n 
A 1 316 MET 316 316 316 MET MET A . n 
A 1 317 THR 317 317 317 THR THR A . n 
A 1 318 ILE 318 318 318 ILE ILE A . n 
A 1 319 ALA 319 319 319 ALA ALA A . n 
A 1 320 THR 320 320 320 THR THR A . n 
A 1 321 ALA 321 321 321 ALA ALA A . n 
A 1 322 ALA 322 322 322 ALA ALA A . n 
A 1 323 LEU 323 323 323 LEU LEU A . n 
A 1 324 PHE 324 324 324 PHE PHE A . n 
A 1 325 ALA 325 325 325 ALA ALA A . n 
A 1 326 LYS 326 326 326 LYS LYS A . n 
A 1 327 GLY 327 327 327 GLY GLY A . n 
A 1 328 THR 328 328 328 THR THR A . n 
A 1 329 THR 329 329 329 THR THR A . n 
A 1 330 ARG 330 330 330 ARG ARG A . n 
A 1 331 LEU 331 331 331 LEU LEU A . n 
A 1 332 ARG 332 332 332 ARG ARG A . n 
A 1 333 ASN 333 333 333 ASN ASN A . n 
A 1 334 ILE 334 334 334 ILE ILE A . n 
A 1 335 TYR 335 335 335 TYR TYR A . n 
A 1 336 ASN 336 336 336 ASN ASN A . n 
A 1 337 TRP 337 337 337 TRP TRP A . n 
A 1 338 ARG 338 338 338 ARG ARG A . n 
A 1 339 VAL 339 339 339 VAL VAL A . n 
A 1 340 LYS 340 340 340 LYS LYS A . n 
A 1 341 GLU 341 341 341 GLU GLU A . n 
A 1 342 THR 342 342 342 THR THR A . n 
A 1 343 ASP 343 343 343 ASP ASP A . n 
A 1 344 ARG 344 344 344 ARG ARG A . n 
A 1 345 LEU 345 345 345 LEU LEU A . n 
A 1 346 PHE 346 346 346 PHE PHE A . n 
A 1 347 ALA 347 347 347 ALA ALA A . n 
A 1 348 MET 348 348 348 MET MET A . n 
A 1 349 ALA 349 349 349 ALA ALA A . n 
A 1 350 THR 350 350 350 THR THR A . n 
A 1 351 GLU 351 351 351 GLU GLU A . n 
A 1 352 LEU 352 352 352 LEU LEU A . n 
A 1 353 ARG 353 353 353 ARG ARG A . n 
A 1 354 LYS 354 354 354 LYS LYS A . n 
A 1 355 VAL 355 355 355 VAL VAL A . n 
A 1 356 GLY 356 356 356 GLY GLY A . n 
A 1 357 ALA 357 357 357 ALA ALA A . n 
A 1 358 GLU 358 358 358 GLU GLU A . n 
A 1 359 VAL 359 359 359 VAL VAL A . n 
A 1 360 GLU 360 360 360 GLU GLU A . n 
A 1 361 GLU 361 361 361 GLU GLU A . n 
A 1 362 GLY 362 362 362 GLY GLY A . n 
A 1 363 HIS 363 363 363 HIS HIS A . n 
A 1 364 ASP 364 364 364 ASP ASP A . n 
A 1 365 TYR 365 365 365 TYR TYR A . n 
A 1 366 ILE 366 366 366 ILE ILE A . n 
A 1 367 ARG 367 367 367 ARG ARG A . n 
A 1 368 ILE 368 368 368 ILE ILE A . n 
A 1 369 THR 369 369 369 THR THR A . n 
A 1 370 PRO 370 370 370 PRO PRO A . n 
A 1 371 PRO 371 371 371 PRO PRO A . n 
A 1 372 GLU 372 372 372 GLU GLU A . n 
A 1 373 LYS 373 373 373 LYS LYS A . n 
A 1 374 LEU 374 374 374 LEU LEU A . n 
A 1 375 ASN 375 375 375 ASN ASN A . n 
A 1 376 PHE 376 376 376 PHE PHE A . n 
A 1 377 ALA 377 377 377 ALA ALA A . n 
A 1 378 GLU 378 378 378 GLU GLU A . n 
A 1 379 ILE 379 379 379 ILE ILE A . n 
A 1 380 ALA 380 380 380 ALA ALA A . n 
A 1 381 THR 381 381 381 THR THR A . n 
A 1 382 TYR 382 382 382 TYR TYR A . n 
A 1 383 ASN 383 383 383 ASN ASN A . n 
A 1 384 ASP 384 384 384 ASP ASP A . n 
A 1 385 HIS 385 385 385 HIS HIS A . n 
A 1 386 ARG 386 386 386 ARG ARG A . n 
A 1 387 MET 387 387 387 MET MET A . n 
A 1 388 ALA 388 388 388 ALA ALA A . n 
A 1 389 MET 389 389 389 MET MET A . n 
A 1 390 CYS 390 390 390 CYS CYS A . n 
A 1 391 PHE 391 391 391 PHE PHE A . n 
A 1 392 SER 392 392 392 SER SER A . n 
A 1 393 LEU 393 393 393 LEU LEU A . n 
A 1 394 VAL 394 394 394 VAL VAL A . n 
A 1 395 ALA 395 395 395 ALA ALA A . n 
A 1 396 LEU 396 396 396 LEU LEU A . n 
A 1 397 SER 397 397 397 SER SER A . n 
A 1 398 ASP 398 398 398 ASP ASP A . n 
A 1 399 THR 399 399 399 THR THR A . n 
A 1 400 PRO 400 400 400 PRO PRO A . n 
A 1 401 VAL 401 401 401 VAL VAL A . n 
A 1 402 THR 402 402 402 THR THR A . n 
A 1 403 ILE 403 403 403 ILE ILE A . n 
A 1 404 LEU 404 404 404 LEU LEU A . n 
A 1 405 ASP 405 405 405 ASP ASP A . n 
A 1 406 PRO 406 406 406 PRO PRO A . n 
A 1 407 LYS 407 407 407 LYS LYS A . n 
A 1 408 CYS 408 408 408 CYS CYS A . n 
A 1 409 THR 409 409 409 THR THR A . n 
A 1 410 ALA 410 410 410 ALA ALA A . n 
A 1 411 LYS 411 411 411 LYS LYS A . n 
A 1 412 THR 412 412 412 THR THR A . n 
A 1 413 PHE 413 413 413 PHE PHE A . n 
A 1 414 PRO 414 414 414 PRO PRO A . n 
A 1 415 ASP 415 415 415 ASP ASP A . n 
A 1 416 TYR 416 416 416 TYR TYR A . n 
A 1 417 PHE 417 417 417 PHE PHE A . n 
A 1 418 GLU 418 418 418 GLU GLU A . n 
A 1 419 GLN 419 419 419 GLN GLN A . n 
A 1 420 LEU 420 420 420 LEU LEU A . n 
A 1 421 ALA 421 421 421 ALA ALA A . n 
A 1 422 ARG 422 422 422 ARG ARG A . n 
A 1 423 ILE 423 423 423 ILE ILE A . n 
A 1 424 SER 424 424 424 SER SER A . n 
A 1 425 GLN 425 425 425 GLN GLN A . n 
A 1 426 ALA 426 426 426 ALA ALA A . n 
A 1 427 ALA 427 427 427 ALA ALA A . n 
# 
_cell.entry_id           1EPS 
_cell.length_a           92.100 
_cell.length_b           83.200 
_cell.length_c           72.100 
_cell.angle_alpha        90.00 
_cell.angle_beta         90.00 
_cell.angle_gamma        90.00 
_cell.Z_PDB              4 
_cell.pdbx_unique_axis   ? 
_cell.length_a_esd       ? 
_cell.length_b_esd       ? 
_cell.length_c_esd       ? 
_cell.angle_alpha_esd    ? 
_cell.angle_beta_esd     ? 
_cell.angle_gamma_esd    ? 
# 
_symmetry.entry_id                         1EPS 
_symmetry.space_group_name_H-M             'P 21 21 21' 
_symmetry.pdbx_full_space_group_name_H-M   ? 
_symmetry.cell_setting                     ? 
_symmetry.Int_Tables_number                19 
_symmetry.space_group_name_Hall            ? 
# 
_exptl.entry_id          1EPS 
_exptl.method            'X-RAY DIFFRACTION' 
_exptl.crystals_number   ? 
# 
_exptl_crystal.id                    1 
_exptl_crystal.density_meas          ? 
_exptl_crystal.density_Matthews      2.99 
_exptl_crystal.density_percent_sol   58.83 
_exptl_crystal.description           ? 
_exptl_crystal.F_000                 ? 
_exptl_crystal.preparation           ? 
# 
_diffrn.id                     1 
_diffrn.ambient_temp           ? 
_diffrn.ambient_temp_details   ? 
_diffrn.crystal_id             1 
# 
_diffrn_radiation.diffrn_id                        1 
_diffrn_radiation.wavelength_id                    1 
_diffrn_radiation.monochromator                    ? 
_diffrn_radiation.pdbx_monochromatic_or_laue_m_l   ? 
_diffrn_radiation.pdbx_diffrn_protocol             ? 
_diffrn_radiation.pdbx_scattering_type             x-ray 
# 
_diffrn_radiation_wavelength.id           1 
_diffrn_radiation_wavelength.wavelength   . 
_diffrn_radiation_wavelength.wt           1.0 
# 
_refine.entry_id                                 1EPS 
_refine.ls_number_reflns_obs                     ? 
_refine.ls_number_reflns_all                     ? 
_refine.pdbx_ls_sigma_I                          ? 
_refine.pdbx_ls_sigma_F                          ? 
_refine.pdbx_data_cutoff_high_absF               ? 
_refine.pdbx_data_cutoff_low_absF                ? 
_refine.pdbx_data_cutoff_high_rms_absF           ? 
_refine.ls_d_res_low                             ? 
_refine.ls_d_res_high                            3.0 
_refine.ls_percent_reflns_obs                    ? 
_refine.ls_R_factor_obs                          ? 
_refine.ls_R_factor_all                          ? 
_refine.ls_R_factor_R_work                       ? 
_refine.ls_R_factor_R_free                       ? 
_refine.ls_R_factor_R_free_error                 ? 
_refine.ls_R_factor_R_free_error_details         ? 
_refine.ls_percent_reflns_R_free                 ? 
_refine.ls_number_reflns_R_free                  ? 
_refine.ls_number_parameters                     ? 
_refine.ls_number_restraints                     ? 
_refine.occupancy_min                            ? 
_refine.occupancy_max                            ? 
_refine.B_iso_mean                               ? 
_refine.aniso_B[1][1]                            ? 
_refine.aniso_B[2][2]                            ? 
_refine.aniso_B[3][3]                            ? 
_refine.aniso_B[1][2]                            ? 
_refine.aniso_B[1][3]                            ? 
_refine.aniso_B[2][3]                            ? 
_refine.solvent_model_details                    ? 
_refine.solvent_model_param_ksol                 ? 
_refine.solvent_model_param_bsol                 ? 
_refine.pdbx_ls_cross_valid_method               ? 
_refine.details                                  ? 
_refine.pdbx_starting_model                      ? 
_refine.pdbx_method_to_determine_struct          ? 
_refine.pdbx_isotropic_thermal_model             ? 
_refine.pdbx_stereochemistry_target_values       ? 
_refine.pdbx_stereochem_target_val_spec_case     ? 
_refine.pdbx_R_Free_selection_details            ? 
_refine.pdbx_overall_ESU_R                       ? 
_refine.pdbx_overall_ESU_R_Free                  ? 
_refine.overall_SU_ML                            ? 
_refine.overall_SU_B                             ? 
_refine.pdbx_refine_id                           'X-RAY DIFFRACTION' 
_refine.ls_redundancy_reflns_obs                 ? 
_refine.pdbx_overall_phase_error                 ? 
_refine.B_iso_min                                ? 
_refine.B_iso_max                                ? 
_refine.correlation_coeff_Fo_to_Fc               ? 
_refine.correlation_coeff_Fo_to_Fc_free          ? 
_refine.pdbx_solvent_vdw_probe_radii             ? 
_refine.pdbx_solvent_ion_probe_radii             ? 
_refine.pdbx_solvent_shrinkage_radii             ? 
_refine.overall_SU_R_Cruickshank_DPI             ? 
_refine.overall_SU_R_free                        ? 
_refine.ls_wR_factor_R_free                      ? 
_refine.ls_wR_factor_R_work                      ? 
_refine.overall_FOM_free_R_set                   ? 
_refine.overall_FOM_work_R_set                   ? 
_refine.pdbx_diffrn_id                           1 
_refine.pdbx_TLS_residual_ADP_flag               ? 
_refine.pdbx_overall_SU_R_free_Cruickshank_DPI   ? 
_refine.pdbx_overall_SU_R_Blow_DPI               ? 
_refine.pdbx_overall_SU_R_free_Blow_DPI          ? 
# 
_refine_hist.pdbx_refine_id                   'X-RAY DIFFRACTION' 
_refine_hist.cycle_id                         LAST 
_refine_hist.pdbx_number_atoms_protein        427 
_refine_hist.pdbx_number_atoms_nucleic_acid   0 
_refine_hist.pdbx_number_atoms_ligand         0 
_refine_hist.number_atoms_solvent             0 
_refine_hist.number_atoms_total               427 
_refine_hist.d_res_high                       3.0 
_refine_hist.d_res_low                        . 
# 
_struct.entry_id                  1EPS 
_struct.title                     
'STRUCTURE AND TOPOLOGICAL SYMMETRY OF THE GLYPHOSPHATE 5-ENOL-PYRUVYLSHIKIMATE-3-PHOSPHATE SYNTHASE: A DISTINCTIVE PROTEIN FOLD' 
_struct.pdbx_model_details        ? 
_struct.pdbx_CASP_flag            ? 
_struct.pdbx_model_type_details   ? 
# 
_struct_keywords.entry_id        1EPS 
_struct_keywords.pdbx_keywords   TRANSFERASE 
_struct_keywords.text            TRANSFERASE 
# 
_struct_asym.id                            A 
_struct_asym.pdbx_blank_PDB_chainid_flag   N 
_struct_asym.pdbx_modified                 N 
_struct_asym.entity_id                     1 
_struct_asym.details                       ? 
# 
_struct_ref.id                         1 
_struct_ref.db_name                    UNP 
_struct_ref.db_code                    AROA_ECOLI 
_struct_ref.entity_id                  1 
_struct_ref.pdbx_db_accession          P0A6D3 
_struct_ref.pdbx_align_begin           1 
_struct_ref.pdbx_seq_one_letter_code   
;MESLTLQPIARVDGTINLPGSKTVSNRALLLAALAHGKTVLTNLLDSDDVRHMLNALTALGVSYTLSADRTRCEIIGNGG
PLHAEGALELFLGNAGTAMRPLAAALCLGSNDIVLTGEPRMKERPIGHLVDALRLGGAKITYLEQENYPPLRLQGGFTGG
NVDVDGSVSSQFLTALLMTAPLAPEDTVIRIKGDLVSKPYIDITLNLMKTFGVEIENQHYQQFVVKGGQSYQSPGTYLVE
GDASSASYFLAAAAIKGGTVKVTGIGRNSMQGDIRFADVLEKMGATICWGDDYISCTRGELNAIDMDMNHIPDAAMTIAT
AALFAKGTTRLRNIYNWRVKETDRLFAMATELRKVGAEVEEGHDYIRITPPEKLNFAEIATYNDHRMAMCFSLVALSDTP
VTILDPKCTAKTFPDYFEQLARISQAA
;
_struct_ref.pdbx_db_isoform            ? 
# 
_struct_ref_seq.align_id                      1 
_struct_ref_seq.ref_id                        1 
_struct_ref_seq.pdbx_PDB_id_code              1EPS 
_struct_ref_seq.pdbx_strand_id                A 
_struct_ref_seq.seq_align_beg                 1 
_struct_ref_seq.pdbx_seq_align_beg_ins_code   ? 
_struct_ref_seq.seq_align_end                 427 
_struct_ref_seq.pdbx_seq_align_end_ins_code   ? 
_struct_ref_seq.pdbx_db_accession             P0A6D3 
_struct_ref_seq.db_align_beg                  1 
_struct_ref_seq.pdbx_db_align_beg_ins_code    ? 
_struct_ref_seq.db_align_end                  427 
_struct_ref_seq.pdbx_db_align_end_ins_code    ? 
_struct_ref_seq.pdbx_auth_seq_align_beg       1 
_struct_ref_seq.pdbx_auth_seq_align_end       427 
# 
_pdbx_struct_assembly.id                   1 
_pdbx_struct_assembly.details              author_defined_assembly 
_pdbx_struct_assembly.method_details       ? 
_pdbx_struct_assembly.oligomeric_details   monomeric 
_pdbx_struct_assembly.oligomeric_count     1 
# 
_pdbx_struct_assembly_gen.assembly_id       1 
_pdbx_struct_assembly_gen.oper_expression   1 
_pdbx_struct_assembly_gen.asym_id_list      A 
# 
_pdbx_struct_oper_list.id                   1 
_pdbx_struct_oper_list.type                 'identity operation' 
_pdbx_struct_oper_list.name                 1_555 
_pdbx_struct_oper_list.symmetry_operation   x,y,z 
_pdbx_struct_oper_list.matrix[1][1]         1.0000000000 
_pdbx_struct_oper_list.matrix[1][2]         0.0000000000 
_pdbx_struct_oper_list.matrix[1][3]         0.0000000000 
_pdbx_struct_oper_list.vector[1]            0.0000000000 
_pdbx_struct_oper_list.matrix[2][1]         0.0000000000 
_pdbx_struct_oper_list.matrix[2][2]         1.0000000000 
_pdbx_struct_oper_list.matrix[2][3]         0.0000000000 
_pdbx_struct_oper_list.vector[2]            0.0000000000 
_pdbx_struct_oper_list.matrix[3][1]         0.0000000000 
_pdbx_struct_oper_list.matrix[3][2]         0.0000000000 
_pdbx_struct_oper_list.matrix[3][3]         1.0000000000 
_pdbx_struct_oper_list.vector[3]            0.0000000000 
# 
_struct_biol.id        1 
_struct_biol.details   ? 
# 
loop_
_chem_comp_atom.comp_id 
_chem_comp_atom.atom_id 
_chem_comp_atom.type_symbol 
_chem_comp_atom.pdbx_aromatic_flag 
_chem_comp_atom.pdbx_stereo_config 
_chem_comp_atom.pdbx_ordinal 
ALA N    N N N 1   
ALA CA   C N S 2   
ALA C    C N N 3   
ALA O    O N N 4   
ALA CB   C N N 5   
ALA OXT  O N N 6   
ALA H    H N N 7   
ALA H2   H N N 8   
ALA HA   H N N 9   
ALA HB1  H N N 10  
ALA HB2  H N N 11  
ALA HB3  H N N 12  
ALA HXT  H N N 13  
ARG N    N N N 14  
ARG CA   C N S 15  
ARG C    C N N 16  
ARG O    O N N 17  
ARG CB   C N N 18  
ARG CG   C N N 19  
ARG CD   C N N 20  
ARG NE   N N N 21  
ARG CZ   C N N 22  
ARG NH1  N N N 23  
ARG NH2  N N N 24  
ARG OXT  O N N 25  
ARG H    H N N 26  
ARG H2   H N N 27  
ARG HA   H N N 28  
ARG HB2  H N N 29  
ARG HB3  H N N 30  
ARG HG2  H N N 31  
ARG HG3  H N N 32  
ARG HD2  H N N 33  
ARG HD3  H N N 34  
ARG HE   H N N 35  
ARG HH11 H N N 36  
ARG HH12 H N N 37  
ARG HH21 H N N 38  
ARG HH22 H N N 39  
ARG HXT  H N N 40  
ASN N    N N N 41  
ASN CA   C N S 42  
ASN C    C N N 43  
ASN O    O N N 44  
ASN CB   C N N 45  
ASN CG   C N N 46  
ASN OD1  O N N 47  
ASN ND2  N N N 48  
ASN OXT  O N N 49  
ASN H    H N N 50  
ASN H2   H N N 51  
ASN HA   H N N 52  
ASN HB2  H N N 53  
ASN HB3  H N N 54  
ASN HD21 H N N 55  
ASN HD22 H N N 56  
ASN HXT  H N N 57  
ASP N    N N N 58  
ASP CA   C N S 59  
ASP C    C N N 60  
ASP O    O N N 61  
ASP CB   C N N 62  
ASP CG   C N N 63  
ASP OD1  O N N 64  
ASP OD2  O N N 65  
ASP OXT  O N N 66  
ASP H    H N N 67  
ASP H2   H N N 68  
ASP HA   H N N 69  
ASP HB2  H N N 70  
ASP HB3  H N N 71  
ASP HD2  H N N 72  
ASP HXT  H N N 73  
CYS N    N N N 74  
CYS CA   C N R 75  
CYS C    C N N 76  
CYS O    O N N 77  
CYS CB   C N N 78  
CYS SG   S N N 79  
CYS OXT  O N N 80  
CYS H    H N N 81  
CYS H2   H N N 82  
CYS HA   H N N 83  
CYS HB2  H N N 84  
CYS HB3  H N N 85  
CYS HG   H N N 86  
CYS HXT  H N N 87  
GLN N    N N N 88  
GLN CA   C N S 89  
GLN C    C N N 90  
GLN O    O N N 91  
GLN CB   C N N 92  
GLN CG   C N N 93  
GLN CD   C N N 94  
GLN OE1  O N N 95  
GLN NE2  N N N 96  
GLN OXT  O N N 97  
GLN H    H N N 98  
GLN H2   H N N 99  
GLN HA   H N N 100 
GLN HB2  H N N 101 
GLN HB3  H N N 102 
GLN HG2  H N N 103 
GLN HG3  H N N 104 
GLN HE21 H N N 105 
GLN HE22 H N N 106 
GLN HXT  H N N 107 
GLU N    N N N 108 
GLU CA   C N S 109 
GLU C    C N N 110 
GLU O    O N N 111 
GLU CB   C N N 112 
GLU CG   C N N 113 
GLU CD   C N N 114 
GLU OE1  O N N 115 
GLU OE2  O N N 116 
GLU OXT  O N N 117 
GLU H    H N N 118 
GLU H2   H N N 119 
GLU HA   H N N 120 
GLU HB2  H N N 121 
GLU HB3  H N N 122 
GLU HG2  H N N 123 
GLU HG3  H N N 124 
GLU HE2  H N N 125 
GLU HXT  H N N 126 
GLY N    N N N 127 
GLY CA   C N N 128 
GLY C    C N N 129 
GLY O    O N N 130 
GLY OXT  O N N 131 
GLY H    H N N 132 
GLY H2   H N N 133 
GLY HA2  H N N 134 
GLY HA3  H N N 135 
GLY HXT  H N N 136 
HIS N    N N N 137 
HIS CA   C N S 138 
HIS C    C N N 139 
HIS O    O N N 140 
HIS CB   C N N 141 
HIS CG   C Y N 142 
HIS ND1  N Y N 143 
HIS CD2  C Y N 144 
HIS CE1  C Y N 145 
HIS NE2  N Y N 146 
HIS OXT  O N N 147 
HIS H    H N N 148 
HIS H2   H N N 149 
HIS HA   H N N 150 
HIS HB2  H N N 151 
HIS HB3  H N N 152 
HIS HD1  H N N 153 
HIS HD2  H N N 154 
HIS HE1  H N N 155 
HIS HE2  H N N 156 
HIS HXT  H N N 157 
ILE N    N N N 158 
ILE CA   C N S 159 
ILE C    C N N 160 
ILE O    O N N 161 
ILE CB   C N S 162 
ILE CG1  C N N 163 
ILE CG2  C N N 164 
ILE CD1  C N N 165 
ILE OXT  O N N 166 
ILE H    H N N 167 
ILE H2   H N N 168 
ILE HA   H N N 169 
ILE HB   H N N 170 
ILE HG12 H N N 171 
ILE HG13 H N N 172 
ILE HG21 H N N 173 
ILE HG22 H N N 174 
ILE HG23 H N N 175 
ILE HD11 H N N 176 
ILE HD12 H N N 177 
ILE HD13 H N N 178 
ILE HXT  H N N 179 
LEU N    N N N 180 
LEU CA   C N S 181 
LEU C    C N N 182 
LEU O    O N N 183 
LEU CB   C N N 184 
LEU CG   C N N 185 
LEU CD1  C N N 186 
LEU CD2  C N N 187 
LEU OXT  O N N 188 
LEU H    H N N 189 
LEU H2   H N N 190 
LEU HA   H N N 191 
LEU HB2  H N N 192 
LEU HB3  H N N 193 
LEU HG   H N N 194 
LEU HD11 H N N 195 
LEU HD12 H N N 196 
LEU HD13 H N N 197 
LEU HD21 H N N 198 
LEU HD22 H N N 199 
LEU HD23 H N N 200 
LEU HXT  H N N 201 
LYS N    N N N 202 
LYS CA   C N S 203 
LYS C    C N N 204 
LYS O    O N N 205 
LYS CB   C N N 206 
LYS CG   C N N 207 
LYS CD   C N N 208 
LYS CE   C N N 209 
LYS NZ   N N N 210 
LYS OXT  O N N 211 
LYS H    H N N 212 
LYS H2   H N N 213 
LYS HA   H N N 214 
LYS HB2  H N N 215 
LYS HB3  H N N 216 
LYS HG2  H N N 217 
LYS HG3  H N N 218 
LYS HD2  H N N 219 
LYS HD3  H N N 220 
LYS HE2  H N N 221 
LYS HE3  H N N 222 
LYS HZ1  H N N 223 
LYS HZ2  H N N 224 
LYS HZ3  H N N 225 
LYS HXT  H N N 226 
MET N    N N N 227 
MET CA   C N S 228 
MET C    C N N 229 
MET O    O N N 230 
MET CB   C N N 231 
MET CG   C N N 232 
MET SD   S N N 233 
MET CE   C N N 234 
MET OXT  O N N 235 
MET H    H N N 236 
MET H2   H N N 237 
MET HA   H N N 238 
MET HB2  H N N 239 
MET HB3  H N N 240 
MET HG2  H N N 241 
MET HG3  H N N 242 
MET HE1  H N N 243 
MET HE2  H N N 244 
MET HE3  H N N 245 
MET HXT  H N N 246 
PHE N    N N N 247 
PHE CA   C N S 248 
PHE C    C N N 249 
PHE O    O N N 250 
PHE CB   C N N 251 
PHE CG   C Y N 252 
PHE CD1  C Y N 253 
PHE CD2  C Y N 254 
PHE CE1  C Y N 255 
PHE CE2  C Y N 256 
PHE CZ   C Y N 257 
PHE OXT  O N N 258 
PHE H    H N N 259 
PHE H2   H N N 260 
PHE HA   H N N 261 
PHE HB2  H N N 262 
PHE HB3  H N N 263 
PHE HD1  H N N 264 
PHE HD2  H N N 265 
PHE HE1  H N N 266 
PHE HE2  H N N 267 
PHE HZ   H N N 268 
PHE HXT  H N N 269 
PRO N    N N N 270 
PRO CA   C N S 271 
PRO C    C N N 272 
PRO O    O N N 273 
PRO CB   C N N 274 
PRO CG   C N N 275 
PRO CD   C N N 276 
PRO OXT  O N N 277 
PRO H    H N N 278 
PRO HA   H N N 279 
PRO HB2  H N N 280 
PRO HB3  H N N 281 
PRO HG2  H N N 282 
PRO HG3  H N N 283 
PRO HD2  H N N 284 
PRO HD3  H N N 285 
PRO HXT  H N N 286 
SER N    N N N 287 
SER CA   C N S 288 
SER C    C N N 289 
SER O    O N N 290 
SER CB   C N N 291 
SER OG   O N N 292 
SER OXT  O N N 293 
SER H    H N N 294 
SER H2   H N N 295 
SER HA   H N N 296 
SER HB2  H N N 297 
SER HB3  H N N 298 
SER HG   H N N 299 
SER HXT  H N N 300 
THR N    N N N 301 
THR CA   C N S 302 
THR C    C N N 303 
THR O    O N N 304 
THR CB   C N R 305 
THR OG1  O N N 306 
THR CG2  C N N 307 
THR OXT  O N N 308 
THR H    H N N 309 
THR H2   H N N 310 
THR HA   H N N 311 
THR HB   H N N 312 
THR HG1  H N N 313 
THR HG21 H N N 314 
THR HG22 H N N 315 
THR HG23 H N N 316 
THR HXT  H N N 317 
TRP N    N N N 318 
TRP CA   C N S 319 
TRP C    C N N 320 
TRP O    O N N 321 
TRP CB   C N N 322 
TRP CG   C Y N 323 
TRP CD1  C Y N 324 
TRP CD2  C Y N 325 
TRP NE1  N Y N 326 
TRP CE2  C Y N 327 
TRP CE3  C Y N 328 
TRP CZ2  C Y N 329 
TRP CZ3  C Y N 330 
TRP CH2  C Y N 331 
TRP OXT  O N N 332 
TRP H    H N N 333 
TRP H2   H N N 334 
TRP HA   H N N 335 
TRP HB2  H N N 336 
TRP HB3  H N N 337 
TRP HD1  H N N 338 
TRP HE1  H N N 339 
TRP HE3  H N N 340 
TRP HZ2  H N N 341 
TRP HZ3  H N N 342 
TRP HH2  H N N 343 
TRP HXT  H N N 344 
TYR N    N N N 345 
TYR CA   C N S 346 
TYR C    C N N 347 
TYR O    O N N 348 
TYR CB   C N N 349 
TYR CG   C Y N 350 
TYR CD1  C Y N 351 
TYR CD2  C Y N 352 
TYR CE1  C Y N 353 
TYR CE2  C Y N 354 
TYR CZ   C Y N 355 
TYR OH   O N N 356 
TYR OXT  O N N 357 
TYR H    H N N 358 
TYR H2   H N N 359 
TYR HA   H N N 360 
TYR HB2  H N N 361 
TYR HB3  H N N 362 
TYR HD1  H N N 363 
TYR HD2  H N N 364 
TYR HE1  H N N 365 
TYR HE2  H N N 366 
TYR HH   H N N 367 
TYR HXT  H N N 368 
VAL N    N N N 369 
VAL CA   C N S 370 
VAL C    C N N 371 
VAL O    O N N 372 
VAL CB   C N N 373 
VAL CG1  C N N 374 
VAL CG2  C N N 375 
VAL OXT  O N N 376 
VAL H    H N N 377 
VAL H2   H N N 378 
VAL HA   H N N 379 
VAL HB   H N N 380 
VAL HG11 H N N 381 
VAL HG12 H N N 382 
VAL HG13 H N N 383 
VAL HG21 H N N 384 
VAL HG22 H N N 385 
VAL HG23 H N N 386 
VAL HXT  H N N 387 
# 
loop_
_chem_comp_bond.comp_id 
_chem_comp_bond.atom_id_1 
_chem_comp_bond.atom_id_2 
_chem_comp_bond.value_order 
_chem_comp_bond.pdbx_aromatic_flag 
_chem_comp_bond.pdbx_stereo_config 
_chem_comp_bond.pdbx_ordinal 
ALA N   CA   sing N N 1   
ALA N   H    sing N N 2   
ALA N   H2   sing N N 3   
ALA CA  C    sing N N 4   
ALA CA  CB   sing N N 5   
ALA CA  HA   sing N N 6   
ALA C   O    doub N N 7   
ALA C   OXT  sing N N 8   
ALA CB  HB1  sing N N 9   
ALA CB  HB2  sing N N 10  
ALA CB  HB3  sing N N 11  
ALA OXT HXT  sing N N 12  
ARG N   CA   sing N N 13  
ARG N   H    sing N N 14  
ARG N   H2   sing N N 15  
ARG CA  C    sing N N 16  
ARG CA  CB   sing N N 17  
ARG CA  HA   sing N N 18  
ARG C   O    doub N N 19  
ARG C   OXT  sing N N 20  
ARG CB  CG   sing N N 21  
ARG CB  HB2  sing N N 22  
ARG CB  HB3  sing N N 23  
ARG CG  CD   sing N N 24  
ARG CG  HG2  sing N N 25  
ARG CG  HG3  sing N N 26  
ARG CD  NE   sing N N 27  
ARG CD  HD2  sing N N 28  
ARG CD  HD3  sing N N 29  
ARG NE  CZ   sing N N 30  
ARG NE  HE   sing N N 31  
ARG CZ  NH1  sing N N 32  
ARG CZ  NH2  doub N N 33  
ARG NH1 HH11 sing N N 34  
ARG NH1 HH12 sing N N 35  
ARG NH2 HH21 sing N N 36  
ARG NH2 HH22 sing N N 37  
ARG OXT HXT  sing N N 38  
ASN N   CA   sing N N 39  
ASN N   H    sing N N 40  
ASN N   H2   sing N N 41  
ASN CA  C    sing N N 42  
ASN CA  CB   sing N N 43  
ASN CA  HA   sing N N 44  
ASN C   O    doub N N 45  
ASN C   OXT  sing N N 46  
ASN CB  CG   sing N N 47  
ASN CB  HB2  sing N N 48  
ASN CB  HB3  sing N N 49  
ASN CG  OD1  doub N N 50  
ASN CG  ND2  sing N N 51  
ASN ND2 HD21 sing N N 52  
ASN ND2 HD22 sing N N 53  
ASN OXT HXT  sing N N 54  
ASP N   CA   sing N N 55  
ASP N   H    sing N N 56  
ASP N   H2   sing N N 57  
ASP CA  C    sing N N 58  
ASP CA  CB   sing N N 59  
ASP CA  HA   sing N N 60  
ASP C   O    doub N N 61  
ASP C   OXT  sing N N 62  
ASP CB  CG   sing N N 63  
ASP CB  HB2  sing N N 64  
ASP CB  HB3  sing N N 65  
ASP CG  OD1  doub N N 66  
ASP CG  OD2  sing N N 67  
ASP OD2 HD2  sing N N 68  
ASP OXT HXT  sing N N 69  
CYS N   CA   sing N N 70  
CYS N   H    sing N N 71  
CYS N   H2   sing N N 72  
CYS CA  C    sing N N 73  
CYS CA  CB   sing N N 74  
CYS CA  HA   sing N N 75  
CYS C   O    doub N N 76  
CYS C   OXT  sing N N 77  
CYS CB  SG   sing N N 78  
CYS CB  HB2  sing N N 79  
CYS CB  HB3  sing N N 80  
CYS SG  HG   sing N N 81  
CYS OXT HXT  sing N N 82  
GLN N   CA   sing N N 83  
GLN N   H    sing N N 84  
GLN N   H2   sing N N 85  
GLN CA  C    sing N N 86  
GLN CA  CB   sing N N 87  
GLN CA  HA   sing N N 88  
GLN C   O    doub N N 89  
GLN C   OXT  sing N N 90  
GLN CB  CG   sing N N 91  
GLN CB  HB2  sing N N 92  
GLN CB  HB3  sing N N 93  
GLN CG  CD   sing N N 94  
GLN CG  HG2  sing N N 95  
GLN CG  HG3  sing N N 96  
GLN CD  OE1  doub N N 97  
GLN CD  NE2  sing N N 98  
GLN NE2 HE21 sing N N 99  
GLN NE2 HE22 sing N N 100 
GLN OXT HXT  sing N N 101 
GLU N   CA   sing N N 102 
GLU N   H    sing N N 103 
GLU N   H2   sing N N 104 
GLU CA  C    sing N N 105 
GLU CA  CB   sing N N 106 
GLU CA  HA   sing N N 107 
GLU C   O    doub N N 108 
GLU C   OXT  sing N N 109 
GLU CB  CG   sing N N 110 
GLU CB  HB2  sing N N 111 
GLU CB  HB3  sing N N 112 
GLU CG  CD   sing N N 113 
GLU CG  HG2  sing N N 114 
GLU CG  HG3  sing N N 115 
GLU CD  OE1  doub N N 116 
GLU CD  OE2  sing N N 117 
GLU OE2 HE2  sing N N 118 
GLU OXT HXT  sing N N 119 
GLY N   CA   sing N N 120 
GLY N   H    sing N N 121 
GLY N   H2   sing N N 122 
GLY CA  C    sing N N 123 
GLY CA  HA2  sing N N 124 
GLY CA  HA3  sing N N 125 
GLY C   O    doub N N 126 
GLY C   OXT  sing N N 127 
GLY OXT HXT  sing N N 128 
HIS N   CA   sing N N 129 
HIS N   H    sing N N 130 
HIS N   H2   sing N N 131 
HIS CA  C    sing N N 132 
HIS CA  CB   sing N N 133 
HIS CA  HA   sing N N 134 
HIS C   O    doub N N 135 
HIS C   OXT  sing N N 136 
HIS CB  CG   sing N N 137 
HIS CB  HB2  sing N N 138 
HIS CB  HB3  sing N N 139 
HIS CG  ND1  sing Y N 140 
HIS CG  CD2  doub Y N 141 
HIS ND1 CE1  doub Y N 142 
HIS ND1 HD1  sing N N 143 
HIS CD2 NE2  sing Y N 144 
HIS CD2 HD2  sing N N 145 
HIS CE1 NE2  sing Y N 146 
HIS CE1 HE1  sing N N 147 
HIS NE2 HE2  sing N N 148 
HIS OXT HXT  sing N N 149 
ILE N   CA   sing N N 150 
ILE N   H    sing N N 151 
ILE N   H2   sing N N 152 
ILE CA  C    sing N N 153 
ILE CA  CB   sing N N 154 
ILE CA  HA   sing N N 155 
ILE C   O    doub N N 156 
ILE C   OXT  sing N N 157 
ILE CB  CG1  sing N N 158 
ILE CB  CG2  sing N N 159 
ILE CB  HB   sing N N 160 
ILE CG1 CD1  sing N N 161 
ILE CG1 HG12 sing N N 162 
ILE CG1 HG13 sing N N 163 
ILE CG2 HG21 sing N N 164 
ILE CG2 HG22 sing N N 165 
ILE CG2 HG23 sing N N 166 
ILE CD1 HD11 sing N N 167 
ILE CD1 HD12 sing N N 168 
ILE CD1 HD13 sing N N 169 
ILE OXT HXT  sing N N 170 
LEU N   CA   sing N N 171 
LEU N   H    sing N N 172 
LEU N   H2   sing N N 173 
LEU CA  C    sing N N 174 
LEU CA  CB   sing N N 175 
LEU CA  HA   sing N N 176 
LEU C   O    doub N N 177 
LEU C   OXT  sing N N 178 
LEU CB  CG   sing N N 179 
LEU CB  HB2  sing N N 180 
LEU CB  HB3  sing N N 181 
LEU CG  CD1  sing N N 182 
LEU CG  CD2  sing N N 183 
LEU CG  HG   sing N N 184 
LEU CD1 HD11 sing N N 185 
LEU CD1 HD12 sing N N 186 
LEU CD1 HD13 sing N N 187 
LEU CD2 HD21 sing N N 188 
LEU CD2 HD22 sing N N 189 
LEU CD2 HD23 sing N N 190 
LEU OXT HXT  sing N N 191 
LYS N   CA   sing N N 192 
LYS N   H    sing N N 193 
LYS N   H2   sing N N 194 
LYS CA  C    sing N N 195 
LYS CA  CB   sing N N 196 
LYS CA  HA   sing N N 197 
LYS C   O    doub N N 198 
LYS C   OXT  sing N N 199 
LYS CB  CG   sing N N 200 
LYS CB  HB2  sing N N 201 
LYS CB  HB3  sing N N 202 
LYS CG  CD   sing N N 203 
LYS CG  HG2  sing N N 204 
LYS CG  HG3  sing N N 205 
LYS CD  CE   sing N N 206 
LYS CD  HD2  sing N N 207 
LYS CD  HD3  sing N N 208 
LYS CE  NZ   sing N N 209 
LYS CE  HE2  sing N N 210 
LYS CE  HE3  sing N N 211 
LYS NZ  HZ1  sing N N 212 
LYS NZ  HZ2  sing N N 213 
LYS NZ  HZ3  sing N N 214 
LYS OXT HXT  sing N N 215 
MET N   CA   sing N N 216 
MET N   H    sing N N 217 
MET N   H2   sing N N 218 
MET CA  C    sing N N 219 
MET CA  CB   sing N N 220 
MET CA  HA   sing N N 221 
MET C   O    doub N N 222 
MET C   OXT  sing N N 223 
MET CB  CG   sing N N 224 
MET CB  HB2  sing N N 225 
MET CB  HB3  sing N N 226 
MET CG  SD   sing N N 227 
MET CG  HG2  sing N N 228 
MET CG  HG3  sing N N 229 
MET SD  CE   sing N N 230 
MET CE  HE1  sing N N 231 
MET CE  HE2  sing N N 232 
MET CE  HE3  sing N N 233 
MET OXT HXT  sing N N 234 
PHE N   CA   sing N N 235 
PHE N   H    sing N N 236 
PHE N   H2   sing N N 237 
PHE CA  C    sing N N 238 
PHE CA  CB   sing N N 239 
PHE CA  HA   sing N N 240 
PHE C   O    doub N N 241 
PHE C   OXT  sing N N 242 
PHE CB  CG   sing N N 243 
PHE CB  HB2  sing N N 244 
PHE CB  HB3  sing N N 245 
PHE CG  CD1  doub Y N 246 
PHE CG  CD2  sing Y N 247 
PHE CD1 CE1  sing Y N 248 
PHE CD1 HD1  sing N N 249 
PHE CD2 CE2  doub Y N 250 
PHE CD2 HD2  sing N N 251 
PHE CE1 CZ   doub Y N 252 
PHE CE1 HE1  sing N N 253 
PHE CE2 CZ   sing Y N 254 
PHE CE2 HE2  sing N N 255 
PHE CZ  HZ   sing N N 256 
PHE OXT HXT  sing N N 257 
PRO N   CA   sing N N 258 
PRO N   CD   sing N N 259 
PRO N   H    sing N N 260 
PRO CA  C    sing N N 261 
PRO CA  CB   sing N N 262 
PRO CA  HA   sing N N 263 
PRO C   O    doub N N 264 
PRO C   OXT  sing N N 265 
PRO CB  CG   sing N N 266 
PRO CB  HB2  sing N N 267 
PRO CB  HB3  sing N N 268 
PRO CG  CD   sing N N 269 
PRO CG  HG2  sing N N 270 
PRO CG  HG3  sing N N 271 
PRO CD  HD2  sing N N 272 
PRO CD  HD3  sing N N 273 
PRO OXT HXT  sing N N 274 
SER N   CA   sing N N 275 
SER N   H    sing N N 276 
SER N   H2   sing N N 277 
SER CA  C    sing N N 278 
SER CA  CB   sing N N 279 
SER CA  HA   sing N N 280 
SER C   O    doub N N 281 
SER C   OXT  sing N N 282 
SER CB  OG   sing N N 283 
SER CB  HB2  sing N N 284 
SER CB  HB3  sing N N 285 
SER OG  HG   sing N N 286 
SER OXT HXT  sing N N 287 
THR N   CA   sing N N 288 
THR N   H    sing N N 289 
THR N   H2   sing N N 290 
THR CA  C    sing N N 291 
THR CA  CB   sing N N 292 
THR CA  HA   sing N N 293 
THR C   O    doub N N 294 
THR C   OXT  sing N N 295 
THR CB  OG1  sing N N 296 
THR CB  CG2  sing N N 297 
THR CB  HB   sing N N 298 
THR OG1 HG1  sing N N 299 
THR CG2 HG21 sing N N 300 
THR CG2 HG22 sing N N 301 
THR CG2 HG23 sing N N 302 
THR OXT HXT  sing N N 303 
TRP N   CA   sing N N 304 
TRP N   H    sing N N 305 
TRP N   H2   sing N N 306 
TRP CA  C    sing N N 307 
TRP CA  CB   sing N N 308 
TRP CA  HA   sing N N 309 
TRP C   O    doub N N 310 
TRP C   OXT  sing N N 311 
TRP CB  CG   sing N N 312 
TRP CB  HB2  sing N N 313 
TRP CB  HB3  sing N N 314 
TRP CG  CD1  doub Y N 315 
TRP CG  CD2  sing Y N 316 
TRP CD1 NE1  sing Y N 317 
TRP CD1 HD1  sing N N 318 
TRP CD2 CE2  doub Y N 319 
TRP CD2 CE3  sing Y N 320 
TRP NE1 CE2  sing Y N 321 
TRP NE1 HE1  sing N N 322 
TRP CE2 CZ2  sing Y N 323 
TRP CE3 CZ3  doub Y N 324 
TRP CE3 HE3  sing N N 325 
TRP CZ2 CH2  doub Y N 326 
TRP CZ2 HZ2  sing N N 327 
TRP CZ3 CH2  sing Y N 328 
TRP CZ3 HZ3  sing N N 329 
TRP CH2 HH2  sing N N 330 
TRP OXT HXT  sing N N 331 
TYR N   CA   sing N N 332 
TYR N   H    sing N N 333 
TYR N   H2   sing N N 334 
TYR CA  C    sing N N 335 
TYR CA  CB   sing N N 336 
TYR CA  HA   sing N N 337 
TYR C   O    doub N N 338 
TYR C   OXT  sing N N 339 
TYR CB  CG   sing N N 340 
TYR CB  HB2  sing N N 341 
TYR CB  HB3  sing N N 342 
TYR CG  CD1  doub Y N 343 
TYR CG  CD2  sing Y N 344 
TYR CD1 CE1  sing Y N 345 
TYR CD1 HD1  sing N N 346 
TYR CD2 CE2  doub Y N 347 
TYR CD2 HD2  sing N N 348 
TYR CE1 CZ   doub Y N 349 
TYR CE1 HE1  sing N N 350 
TYR CE2 CZ   sing Y N 351 
TYR CE2 HE2  sing N N 352 
TYR CZ  OH   sing N N 353 
TYR OH  HH   sing N N 354 
TYR OXT HXT  sing N N 355 
VAL N   CA   sing N N 356 
VAL N   H    sing N N 357 
VAL N   H2   sing N N 358 
VAL CA  C    sing N N 359 
VAL CA  CB   sing N N 360 
VAL CA  HA   sing N N 361 
VAL C   O    doub N N 362 
VAL C   OXT  sing N N 363 
VAL CB  CG1  sing N N 364 
VAL CB  CG2  sing N N 365 
VAL CB  HB   sing N N 366 
VAL CG1 HG11 sing N N 367 
VAL CG1 HG12 sing N N 368 
VAL CG1 HG13 sing N N 369 
VAL CG2 HG21 sing N N 370 
VAL CG2 HG22 sing N N 371 
VAL CG2 HG23 sing N N 372 
VAL OXT HXT  sing N N 373 
# 
_pdbx_coordinate_model.asym_id   A 
_pdbx_coordinate_model.type      'CA ATOMS ONLY' 
# 
_atom_sites.entry_id                    1EPS 
_atom_sites.fract_transf_matrix[1][1]   -0.00927682 
_atom_sites.fract_transf_matrix[1][2]   -0.00097424 
_atom_sites.fract_transf_matrix[1][3]   -0.00555766 
_atom_sites.fract_transf_matrix[2][1]   -0.00234318 
_atom_sites.fract_transf_matrix[2][2]   0.01163896 
_atom_sites.fract_transf_matrix[2][3]   0.00187095 
_atom_sites.fract_transf_matrix[3][1]   0.00668114 
_atom_sites.fract_transf_matrix[3][2]   0.00322874 
_atom_sites.fract_transf_matrix[3][3]   -0.01171813 
_atom_sites.fract_transf_vector[1]      0.389729 
_atom_sites.fract_transf_vector[2]      0.336411 
_atom_sites.fract_transf_vector[3]      0.240904 
# 
_atom_type.symbol   C 
# 
loop_
_atom_site.group_PDB 
_atom_site.id 
_atom_site.type_symbol 
_atom_site.label_atom_id 
_atom_site.label_alt_id 
_atom_site.label_comp_id 
_atom_site.label_asym_id 
_atom_site.label_entity_id 
_atom_site.label_seq_id 
_atom_site.pdbx_PDB_ins_code 
_atom_site.Cartn_x 
_atom_site.Cartn_y 
_atom_site.Cartn_z 
_atom_site.occupancy 
_atom_site.B_iso_or_equiv 
_atom_site.pdbx_formal_charge 
_atom_site.auth_seq_id 
_atom_site.auth_comp_id 
_atom_site.auth_asym_id 
_atom_site.auth_atom_id 
_atom_site.pdbx_PDB_model_num 
ATOM 1   C CA . MET A 1 1   ? -12.516 -2.366  -27.587 1.00 82.98 ? 1   MET A CA 1 
ATOM 2   C CA . GLU A 1 2   ? -11.095 1.052   -26.798 1.00 70.75 ? 2   GLU A CA 1 
ATOM 3   C CA . SER A 1 3   ? -7.391  1.142   -27.617 1.00 59.56 ? 3   SER A CA 1 
ATOM 4   C CA . LEU A 1 4   ? -4.592  3.668   -27.099 1.00 45.02 ? 4   LEU A CA 1 
ATOM 5   C CA . THR A 1 5   ? -1.987  4.648   -29.609 1.00 33.38 ? 5   THR A CA 1 
ATOM 6   C CA . LEU A 1 6   ? 0.810   6.422   -27.995 1.00 25.14 ? 6   LEU A CA 1 
ATOM 7   C CA . GLN A 1 7   ? 2.848   8.537   -30.311 1.00 32.92 ? 7   GLN A CA 1 
ATOM 8   C CA . PRO A 1 8   ? 6.712   8.585   -29.664 1.00 32.83 ? 8   PRO A CA 1 
ATOM 9   C CA . ILE A 1 9   ? 7.892   10.236  -26.377 1.00 26.24 ? 9   ILE A CA 1 
ATOM 10  C CA . ALA A 1 10  ? 11.137  12.028  -26.892 1.00 22.38 ? 10  ALA A CA 1 
ATOM 11  C CA . ARG A 1 11  ? 11.995  12.668  -23.235 1.00 24.06 ? 11  ARG A CA 1 
ATOM 12  C CA . VAL A 1 12  ? 10.389  12.220  -19.871 1.00 25.62 ? 12  VAL A CA 1 
ATOM 13  C CA . ASP A 1 13  ? 11.135  14.534  -16.983 1.00 24.09 ? 13  ASP A CA 1 
ATOM 14  C CA . GLY A 1 14  ? 8.972   15.464  -14.060 1.00 23.72 ? 14  GLY A CA 1 
ATOM 15  C CA . THR A 1 15  ? 7.430   14.495  -10.837 1.00 25.02 ? 15  THR A CA 1 
ATOM 16  C CA . ILE A 1 16  ? 4.648   12.020  -10.157 1.00 29.35 ? 16  ILE A CA 1 
ATOM 17  C CA . ASN A 1 17  ? 2.825   11.658  -6.920  1.00 33.40 ? 17  ASN A CA 1 
ATOM 18  C CA . LEU A 1 18  ? 1.887   8.206   -5.866  1.00 26.04 ? 18  LEU A CA 1 
ATOM 19  C CA . PRO A 1 19  ? -1.205  8.679   -3.541  1.00 26.48 ? 19  PRO A CA 1 
ATOM 20  C CA . GLY A 1 20  ? -1.064  7.458   -0.016  1.00 15.42 ? 20  GLY A CA 1 
ATOM 21  C CA . SER A 1 21  ? -2.993  4.438   1.101   1.00 21.39 ? 21  SER A CA 1 
ATOM 22  C CA . LYS A 1 22  ? -6.468  4.559   2.962   1.00 29.21 ? 22  LYS A CA 1 
ATOM 23  C CA . THR A 1 23  ? -5.465  1.575   5.219   1.00 26.49 ? 23  THR A CA 1 
ATOM 24  C CA . VAL A 1 24  ? -2.220  3.110   6.473   1.00 13.59 ? 24  VAL A CA 1 
ATOM 25  C CA . SER A 1 25  ? -3.829  6.644   6.397   1.00 14.59 ? 25  SER A CA 1 
ATOM 26  C CA . ASN A 1 26  ? -6.257  5.532   9.109   1.00 17.41 ? 26  ASN A CA 1 
ATOM 27  C CA . ARG A 1 27  ? -3.853  3.293   10.934  1.00 17.24 ? 27  ARG A CA 1 
ATOM 28  C CA . ALA A 1 28  ? -1.265  6.034   11.281  1.00 9.05  ? 28  ALA A CA 1 
ATOM 29  C CA . LEU A 1 29  ? -3.784  8.765   12.021  1.00 12.22 ? 29  LEU A CA 1 
ATOM 30  C CA . LEU A 1 30  ? -4.882  6.749   14.985  1.00 18.32 ? 30  LEU A CA 1 
ATOM 31  C CA . LEU A 1 31  ? -1.373  5.896   16.308  1.00 16.98 ? 31  LEU A CA 1 
ATOM 32  C CA . ALA A 1 32  ? -0.632  9.536   16.008  1.00 11.72 ? 32  ALA A CA 1 
ATOM 33  C CA . ALA A 1 33  ? -3.816  10.524  18.071  1.00 14.79 ? 33  ALA A CA 1 
ATOM 34  C CA . LEU A 1 34  ? -2.581  8.079   20.861  1.00 12.07 ? 34  LEU A CA 1 
ATOM 35  C CA . ALA A 1 35  ? 1.027   9.157   20.961  1.00 15.87 ? 35  ALA A CA 1 
ATOM 36  C CA . HIS A 1 36  ? 3.255   11.437  22.868  1.00 20.65 ? 36  HIS A CA 1 
ATOM 37  C CA . GLY A 1 37  ? 4.196   14.224  20.463  1.00 20.45 ? 37  GLY A CA 1 
ATOM 38  C CA . LYS A 1 38  ? 3.338   16.276  17.321  1.00 17.26 ? 38  LYS A CA 1 
ATOM 39  C CA . THR A 1 39  ? 3.499   13.935  14.256  1.00 15.56 ? 39  THR A CA 1 
ATOM 40  C CA . VAL A 1 40  ? 3.484   15.363  10.693  1.00 17.78 ? 40  VAL A CA 1 
ATOM 41  C CA . LEU A 1 41  ? 1.803   12.945  8.462   1.00 18.76 ? 41  LEU A CA 1 
ATOM 42  C CA . THR A 1 42  ? 2.325   13.399  4.749   1.00 19.58 ? 42  THR A CA 1 
ATOM 43  C CA . ASN A 1 43  ? 0.713   11.904  1.787   1.00 21.29 ? 43  ASN A CA 1 
ATOM 44  C CA . LEU A 1 44  ? -2.612  11.166  3.470   1.00 20.63 ? 44  LEU A CA 1 
ATOM 45  C CA . LEU A 1 45  ? -5.457  9.888   1.177   1.00 21.20 ? 45  LEU A CA 1 
ATOM 46  C CA . ASP A 1 46  ? -8.348  12.425  0.963   1.00 28.68 ? 46  ASP A CA 1 
ATOM 47  C CA . SER A 1 47  ? -10.932 9.772   0.719   1.00 25.86 ? 47  SER A CA 1 
ATOM 48  C CA . ASP A 1 48  ? -14.308 9.578   2.527   1.00 31.14 ? 48  ASP A CA 1 
ATOM 49  C CA . ASP A 1 49  ? -12.904 6.801   4.578   1.00 23.86 ? 49  ASP A CA 1 
ATOM 50  C CA . VAL A 1 50  ? -10.159 9.036   5.967   1.00 14.70 ? 50  VAL A CA 1 
ATOM 51  C CA . ARG A 1 51  ? -12.533 12.055  6.398   1.00 18.48 ? 51  ARG A CA 1 
ATOM 52  C CA . HIS A 1 52  ? -14.758 9.948   8.789   1.00 15.04 ? 52  HIS A CA 1 
ATOM 53  C CA . MET A 1 53  ? -11.680 9.005   10.765  1.00 13.99 ? 53  MET A CA 1 
ATOM 54  C CA . LEU A 1 54  ? -10.525 12.681  10.888  1.00 20.63 ? 54  LEU A CA 1 
ATOM 55  C CA . ASN A 1 55  ? -14.000 13.648  12.032  1.00 17.35 ? 55  ASN A CA 1 
ATOM 56  C CA . ALA A 1 56  ? -13.835 11.009  14.852  1.00 12.47 ? 56  ALA A CA 1 
ATOM 57  C CA . LEU A 1 57  ? -10.495 12.573  15.951  1.00 22.75 ? 57  LEU A CA 1 
ATOM 58  C CA . THR A 1 58  ? -11.992 16.029  16.158  1.00 23.06 ? 58  THR A CA 1 
ATOM 59  C CA . ALA A 1 59  ? -14.861 14.678  18.307  1.00 27.02 ? 59  ALA A CA 1 
ATOM 60  C CA . LEU A 1 60  ? -12.429 12.868  20.697  1.00 18.85 ? 60  LEU A CA 1 
ATOM 61  C CA . GLY A 1 61  ? -10.704 16.237  20.963  1.00 22.48 ? 61  GLY A CA 1 
ATOM 62  C CA . VAL A 1 62  ? -7.472  15.448  19.152  1.00 16.57 ? 62  VAL A CA 1 
ATOM 63  C CA . SER A 1 63  ? -5.976  18.615  17.986  1.00 21.66 ? 63  SER A CA 1 
ATOM 64  C CA . TYR A 1 64  ? -4.767  18.720  14.424  1.00 19.65 ? 64  TYR A CA 1 
ATOM 65  C CA . THR A 1 65  ? -4.253  20.933  11.612  1.00 30.40 ? 65  THR A CA 1 
ATOM 66  C CA . LEU A 1 66  ? -4.729  19.687  8.068   1.00 33.65 ? 66  LEU A CA 1 
ATOM 67  C CA . SER A 1 67  ? -3.434  20.895  4.684   1.00 43.47 ? 67  SER A CA 1 
ATOM 68  C CA . ALA A 1 68  ? -5.756  22.536  2.110   1.00 39.80 ? 68  ALA A CA 1 
ATOM 69  C CA . ASP A 1 69  ? -5.299  19.583  -0.253  1.00 35.70 ? 69  ASP A CA 1 
ATOM 70  C CA . ARG A 1 70  ? -5.915  17.197  2.786   1.00 29.06 ? 70  ARG A CA 1 
ATOM 71  C CA . THR A 1 71  ? -2.654  15.201  2.494   1.00 20.63 ? 71  THR A CA 1 
ATOM 72  C CA . ARG A 1 72  ? -0.599  16.635  5.245   1.00 17.55 ? 72  ARG A CA 1 
ATOM 73  C CA . CYS A 1 73  ? -1.814  16.379  8.811   1.00 19.14 ? 73  CYS A CA 1 
ATOM 74  C CA . GLU A 1 74  ? 0.047   17.891  11.774  1.00 25.88 ? 74  GLU A CA 1 
ATOM 75  C CA . ILE A 1 75  ? -1.531  16.132  14.685  1.00 19.34 ? 75  ILE A CA 1 
ATOM 76  C CA . ILE A 1 76  ? -0.463  16.596  18.217  1.00 16.24 ? 76  ILE A CA 1 
ATOM 77  C CA . GLY A 1 77  ? -0.660  13.549  20.260  1.00 17.87 ? 77  GLY A CA 1 
ATOM 78  C CA . ASN A 1 78  ? -2.783  12.960  23.277  1.00 26.02 ? 78  ASN A CA 1 
ATOM 79  C CA . GLY A 1 79  ? -0.189  11.076  25.457  1.00 26.84 ? 79  GLY A CA 1 
ATOM 80  C CA . GLY A 1 80  ? -2.354  7.956   25.725  1.00 28.68 ? 80  GLY A CA 1 
ATOM 81  C CA . PRO A 1 81  ? -5.862  6.519   25.159  1.00 30.17 ? 81  PRO A CA 1 
ATOM 82  C CA . LEU A 1 82  ? -8.587  8.798   23.760  1.00 29.58 ? 82  LEU A CA 1 
ATOM 83  C CA . HIS A 1 83  ? -11.264 10.427  26.030  1.00 47.31 ? 83  HIS A CA 1 
ATOM 84  C CA . ALA A 1 84  ? -14.436 11.962  24.601  1.00 53.49 ? 84  ALA A CA 1 
ATOM 85  C CA . GLU A 1 85  ? -16.096 14.194  27.205  1.00 65.39 ? 85  GLU A CA 1 
ATOM 86  C CA . GLY A 1 86  ? -19.576 12.827  27.458  1.00 53.51 ? 86  GLY A CA 1 
ATOM 87  C CA . ALA A 1 87  ? -21.402 10.771  24.983  1.00 40.51 ? 87  ALA A CA 1 
ATOM 88  C CA . LEU A 1 88  ? -20.646 10.690  21.383  1.00 23.35 ? 88  LEU A CA 1 
ATOM 89  C CA . GLU A 1 89  ? -22.165 8.918   18.532  1.00 27.75 ? 89  GLU A CA 1 
ATOM 90  C CA . LEU A 1 90  ? -19.571 8.722   15.536  1.00 20.07 ? 90  LEU A CA 1 
ATOM 91  C CA . PHE A 1 91  ? -20.865 7.960   12.085  1.00 22.52 ? 91  PHE A CA 1 
ATOM 92  C CA . LEU A 1 92  ? -18.078 6.073   10.504  1.00 24.42 ? 92  LEU A CA 1 
ATOM 93  C CA . GLY A 1 93  ? -17.796 4.658   7.122   1.00 39.92 ? 93  GLY A CA 1 
ATOM 94  C CA . ASN A 1 94  ? -19.995 4.347   4.376   1.00 58.95 ? 94  ASN A CA 1 
ATOM 95  C CA . ALA A 1 95  ? -17.908 1.230   4.756   1.00 49.80 ? 95  ALA A CA 1 
ATOM 96  C CA . GLY A 1 96  ? -14.917 2.768   6.576   1.00 32.05 ? 96  GLY A CA 1 
ATOM 97  C CA . THR A 1 97  ? -11.840 0.540   7.517   1.00 35.73 ? 97  THR A CA 1 
ATOM 98  C CA . ALA A 1 98  ? -11.760 2.891   10.639  1.00 18.96 ? 98  ALA A CA 1 
ATOM 99  C CA . MET A 1 99  ? -14.551 1.196   12.600  1.00 18.46 ? 99  MET A CA 1 
ATOM 100 C CA . ARG A 1 100 ? -12.524 -1.913  13.454  1.00 21.39 ? 100 ARG A CA 1 
ATOM 101 C CA . PRO A 1 101 ? -9.449  0.014   14.816  1.00 23.32 ? 101 PRO A CA 1 
ATOM 102 C CA . LEU A 1 102 ? -11.682 2.636   16.583  1.00 20.76 ? 102 LEU A CA 1 
ATOM 103 C CA . ALA A 1 103 ? -13.957 -0.076  18.107  1.00 22.07 ? 103 ALA A CA 1 
ATOM 104 C CA . ALA A 1 104 ? -10.978 -1.555  19.880  1.00 19.63 ? 104 ALA A CA 1 
ATOM 105 C CA . ALA A 1 105 ? -9.055  1.676   20.808  1.00 29.45 ? 105 ALA A CA 1 
ATOM 106 C CA . LEU A 1 106 ? -11.988 3.364   22.294  1.00 21.86 ? 106 LEU A CA 1 
ATOM 107 C CA . CYS A 1 107 ? -12.366 0.231   24.606  1.00 26.10 ? 107 CYS A CA 1 
ATOM 108 C CA . LEU A 1 108 ? -9.388  1.560   26.596  1.00 28.85 ? 108 LEU A CA 1 
ATOM 109 C CA . GLY A 1 109 ? -10.505 4.822   28.190  1.00 52.54 ? 109 GLY A CA 1 
ATOM 110 C CA . SER A 1 110 ? -13.921 4.398   29.932  1.00 52.85 ? 110 SER A CA 1 
ATOM 111 C CA . ASN A 1 111 ? -16.039 6.494   27.686  1.00 41.94 ? 111 ASN A CA 1 
ATOM 112 C CA . ASP A 1 112 ? -19.589 5.901   26.257  1.00 31.67 ? 112 ASP A CA 1 
ATOM 113 C CA . ILE A 1 113 ? -19.585 6.191   22.526  1.00 24.58 ? 113 ILE A CA 1 
ATOM 114 C CA . VAL A 1 114 ? -21.726 4.672   19.874  1.00 24.32 ? 114 VAL A CA 1 
ATOM 115 C CA . LEU A 1 115 ? -19.897 3.642   16.731  1.00 21.86 ? 115 LEU A CA 1 
ATOM 116 C CA . THR A 1 116 ? -22.320 3.431   13.679  1.00 22.39 ? 116 THR A CA 1 
ATOM 117 C CA . GLY A 1 117 ? -22.102 3.587   9.921   1.00 25.24 ? 117 GLY A CA 1 
ATOM 118 C CA . GLU A 1 118 ? -23.911 3.556   6.704   1.00 42.37 ? 118 GLU A CA 1 
ATOM 119 C CA . PRO A 1 119 ? -26.252 0.497   6.002   1.00 33.78 ? 119 PRO A CA 1 
ATOM 120 C CA . ARG A 1 120 ? -23.459 -1.488  4.333   1.00 32.39 ? 120 ARG A CA 1 
ATOM 121 C CA . MET A 1 121 ? -21.367 -1.175  7.529   1.00 23.89 ? 121 MET A CA 1 
ATOM 122 C CA . LYS A 1 122 ? -24.372 -2.414  9.505   1.00 31.83 ? 122 LYS A CA 1 
ATOM 123 C CA . GLU A 1 123 ? -24.342 -5.585  7.343   1.00 34.85 ? 123 GLU A CA 1 
ATOM 124 C CA . ARG A 1 124 ? -20.552 -5.987  7.857   1.00 27.85 ? 124 ARG A CA 1 
ATOM 125 C CA . PRO A 1 125 ? -19.706 -8.331  10.699  1.00 27.75 ? 125 PRO A CA 1 
ATOM 126 C CA . ILE A 1 126 ? -17.746 -7.340  13.769  1.00 23.19 ? 126 ILE A CA 1 
ATOM 127 C CA . GLY A 1 127 ? -18.667 -10.108 16.172  1.00 29.32 ? 127 GLY A CA 1 
ATOM 128 C CA . HIS A 1 128 ? -15.266 -11.628 16.065  1.00 37.21 ? 128 HIS A CA 1 
ATOM 129 C CA . LEU A 1 129 ? -13.604 -8.496  17.378  1.00 29.91 ? 129 LEU A CA 1 
ATOM 130 C CA . VAL A 1 130 ? -16.132 -7.617  20.045  1.00 30.43 ? 130 VAL A CA 1 
ATOM 131 C CA . ASP A 1 131 ? -15.588 -11.132 21.397  1.00 40.16 ? 131 ASP A CA 1 
ATOM 132 C CA . ALA A 1 132 ? -11.885 -10.916 21.851  1.00 30.85 ? 132 ALA A CA 1 
ATOM 133 C CA . LEU A 1 133 ? -12.180 -7.342  23.241  1.00 27.43 ? 133 LEU A CA 1 
ATOM 134 C CA . ARG A 1 134 ? -14.835 -8.428  25.759  1.00 30.14 ? 134 ARG A CA 1 
ATOM 135 C CA . LEU A 1 135 ? -12.433 -11.427 26.640  1.00 32.04 ? 135 LEU A CA 1 
ATOM 136 C CA . GLY A 1 136 ? -9.983  -8.677  27.686  1.00 31.89 ? 136 GLY A CA 1 
ATOM 137 C CA . GLY A 1 137 ? -12.596 -6.840  29.708  1.00 27.53 ? 137 GLY A CA 1 
ATOM 138 C CA . ALA A 1 138 ? -14.079 -4.389  27.121  1.00 35.53 ? 138 ALA A CA 1 
ATOM 139 C CA . LYS A 1 139 ? -17.702 -3.320  27.778  1.00 44.39 ? 139 LYS A CA 1 
ATOM 140 C CA . ILE A 1 140 ? -19.674 -3.464  24.504  1.00 39.52 ? 140 ILE A CA 1 
ATOM 141 C CA . THR A 1 141 ? -23.415 -3.460  23.682  1.00 36.29 ? 141 THR A CA 1 
ATOM 142 C CA . TYR A 1 142 ? -24.654 -4.372  20.148  1.00 28.06 ? 142 TYR A CA 1 
ATOM 143 C CA . LEU A 1 143 ? -27.211 -1.725  19.719  1.00 29.56 ? 143 LEU A CA 1 
ATOM 144 C CA . GLU A 1 144 ? -29.143 -3.363  16.940  1.00 38.97 ? 144 GLU A CA 1 
ATOM 145 C CA . GLN A 1 145 ? -28.006 -6.801  15.692  1.00 50.63 ? 145 GLN A CA 1 
ATOM 146 C CA . GLU A 1 146 ? -25.857 -8.936  17.890  1.00 47.97 ? 146 GLU A CA 1 
ATOM 147 C CA . ASN A 1 147 ? -22.660 -9.205  15.935  1.00 45.60 ? 147 ASN A CA 1 
ATOM 148 C CA . TYR A 1 148 ? -22.910 -6.026  13.808  1.00 33.85 ? 148 TYR A CA 1 
ATOM 149 C CA . PRO A 1 149 ? -22.431 -2.166  14.197  1.00 29.62 ? 149 PRO A CA 1 
ATOM 150 C CA . PRO A 1 150 ? -23.757 -0.092  15.947  1.00 25.65 ? 150 PRO A CA 1 
ATOM 151 C CA . LEU A 1 151 ? -21.704 -0.766  18.944  1.00 25.11 ? 151 LEU A CA 1 
ATOM 152 C CA . ARG A 1 152 ? -21.953 0.997   22.245  1.00 29.91 ? 152 ARG A CA 1 
ATOM 153 C CA . LEU A 1 153 ? -18.545 1.256   23.776  1.00 28.13 ? 153 LEU A CA 1 
ATOM 154 C CA . GLN A 1 154 ? -18.326 1.759   27.490  1.00 33.92 ? 154 GLN A CA 1 
ATOM 155 C CA . GLY A 1 155 ? -14.646 1.042   27.743  1.00 32.14 ? 155 GLY A CA 1 
ATOM 156 C CA . GLY A 1 156 ? -12.873 -0.944  30.420  1.00 39.70 ? 156 GLY A CA 1 
ATOM 157 C CA . PHE A 1 157 ? -10.674 -3.301  28.323  1.00 39.80 ? 157 PHE A CA 1 
ATOM 158 C CA . THR A 1 158 ? -7.646  -3.992  30.383  1.00 38.86 ? 158 THR A CA 1 
ATOM 159 C CA . GLY A 1 159 ? -5.538  -6.892  29.172  1.00 45.35 ? 159 GLY A CA 1 
ATOM 160 C CA . GLY A 1 160 ? -5.531  -10.667 29.226  1.00 60.67 ? 160 GLY A CA 1 
ATOM 161 C CA . ASN A 1 161 ? -5.341  -13.589 26.890  1.00 72.80 ? 161 ASN A CA 1 
ATOM 162 C CA . VAL A 1 162 ? -7.589  -12.720 23.940  1.00 60.45 ? 162 VAL A CA 1 
ATOM 163 C CA . ASP A 1 163 ? -8.112  -15.904 21.981  1.00 63.37 ? 163 ASP A CA 1 
ATOM 164 C CA . VAL A 1 164 ? -8.354  -14.874 18.266  1.00 65.59 ? 164 VAL A CA 1 
ATOM 165 C CA . ASP A 1 165 ? -8.443  -17.501 15.434  1.00 73.07 ? 165 ASP A CA 1 
ATOM 166 C CA . GLY A 1 166 ? -6.470  -17.264 12.142  1.00 75.33 ? 166 GLY A CA 1 
ATOM 167 C CA . SER A 1 167 ? -9.050  -17.031 9.316   1.00 81.74 ? 167 SER A CA 1 
ATOM 168 C CA . VAL A 1 168 ? -10.332 -14.049 11.281  1.00 76.86 ? 168 VAL A CA 1 
ATOM 169 C CA . SER A 1 169 ? -10.090 -10.876 9.012   1.00 69.69 ? 169 SER A CA 1 
ATOM 170 C CA . SER A 1 170 ? -6.870  -9.400  10.419  1.00 56.27 ? 170 SER A CA 1 
ATOM 171 C CA . GLN A 1 171 ? -8.545  -5.916  10.334  1.00 37.30 ? 171 GLN A CA 1 
ATOM 172 C CA . PHE A 1 172 ? -9.727  -7.327  13.651  1.00 27.30 ? 172 PHE A CA 1 
ATOM 173 C CA . LEU A 1 173 ? -6.325  -8.556  14.789  1.00 29.21 ? 173 LEU A CA 1 
ATOM 174 C CA . THR A 1 174 ? -4.715  -5.248  13.650  1.00 28.89 ? 174 THR A CA 1 
ATOM 175 C CA . ALA A 1 175 ? -7.310  -3.411  15.753  1.00 22.21 ? 175 ALA A CA 1 
ATOM 176 C CA . LEU A 1 176 ? -6.252  -5.546  18.767  1.00 25.41 ? 176 LEU A CA 1 
ATOM 177 C CA . LEU A 1 177 ? -2.501  -5.186  18.333  1.00 23.52 ? 177 LEU A CA 1 
ATOM 178 C CA . MET A 1 178 ? -2.803  -1.419  18.079  1.00 21.01 ? 178 MET A CA 1 
ATOM 179 C CA . THR A 1 179 ? -4.770  -0.839  21.309  1.00 24.81 ? 179 THR A CA 1 
ATOM 180 C CA . ALA A 1 180 ? -3.063  -3.431  23.507  1.00 27.80 ? 180 ALA A CA 1 
ATOM 181 C CA . PRO A 1 181 ? 0.357   -1.656  24.412  1.00 23.99 ? 181 PRO A CA 1 
ATOM 182 C CA . LEU A 1 182 ? -1.730  0.878   26.165  1.00 29.84 ? 182 LEU A CA 1 
ATOM 183 C CA . ALA A 1 183 ? -3.844  -1.609  28.102  1.00 37.04 ? 183 ALA A CA 1 
ATOM 184 C CA . PRO A 1 184 ? -2.617  -1.662  31.886  1.00 45.73 ? 184 PRO A CA 1 
ATOM 185 C CA . GLU A 1 185 ? -2.127  -5.319  32.007  1.00 52.96 ? 185 GLU A CA 1 
ATOM 186 C CA . ASP A 1 186 ? -0.125  -7.366  29.646  1.00 57.53 ? 186 ASP A CA 1 
ATOM 187 C CA . THR A 1 187 ? -1.958  -9.171  26.928  1.00 49.12 ? 187 THR A CA 1 
ATOM 188 C CA . VAL A 1 188 ? -1.008  -12.085 24.662  1.00 54.49 ? 188 VAL A CA 1 
ATOM 189 C CA . ILE A 1 189 ? -3.053  -12.869 21.544  1.00 52.45 ? 189 ILE A CA 1 
ATOM 190 C CA . ARG A 1 190 ? -3.222  -16.468 20.397  1.00 68.01 ? 190 ARG A CA 1 
ATOM 191 C CA . ILE A 1 191 ? -4.399  -17.483 16.984  1.00 72.13 ? 191 ILE A CA 1 
ATOM 192 C CA . LYS A 1 192 ? -6.529  -20.494 17.540  1.00 86.39 ? 192 LYS A CA 1 
ATOM 193 C CA . GLY A 1 193 ? -7.306  -21.455 13.901  1.00 90.57 ? 193 GLY A CA 1 
ATOM 194 C CA . ASP A 1 194 ? -3.853  -20.530 12.860  1.00 93.11 ? 194 ASP A CA 1 
ATOM 195 C CA . LEU A 1 195 ? -1.750  -19.257 9.945   1.00 91.01 ? 195 LEU A CA 1 
ATOM 196 C CA . VAL A 1 196 ? -3.570  -15.905 9.885   1.00 91.61 ? 196 VAL A CA 1 
ATOM 197 C CA . SER A 1 197 ? -4.854  -14.779 6.516   1.00 93.00 ? 197 SER A CA 1 
ATOM 198 C CA . LYS A 1 198 ? -2.401  -11.753 5.932   1.00 77.87 ? 198 LYS A CA 1 
ATOM 199 C CA . PRO A 1 199 ? 0.949   -11.995 7.860   1.00 65.57 ? 199 PRO A CA 1 
ATOM 200 C CA . TYR A 1 200 ? 0.569   -8.311  6.660   1.00 67.49 ? 200 TYR A CA 1 
ATOM 201 C CA . ILE A 1 201 ? 0.086   -7.737  10.110  1.00 39.63 ? 201 ILE A CA 1 
ATOM 202 C CA . ASP A 1 202 ? 3.741   -6.892  9.362   1.00 37.61 ? 202 ASP A CA 1 
ATOM 203 C CA . ILE A 1 203 ? 2.521   -3.525  7.990   1.00 32.78 ? 203 ILE A CA 1 
ATOM 204 C CA . THR A 1 204 ? 0.771   -3.001  11.376  1.00 31.82 ? 204 THR A CA 1 
ATOM 205 C CA . LEU A 1 205 ? 3.730   -4.251  13.472  1.00 25.15 ? 205 LEU A CA 1 
ATOM 206 C CA . ASN A 1 206 ? 6.216   -2.097  11.555  1.00 31.94 ? 206 ASN A CA 1 
ATOM 207 C CA . LEU A 1 207 ? 3.915   0.955   12.058  1.00 29.23 ? 207 LEU A CA 1 
ATOM 208 C CA . MET A 1 208 ? 3.786   0.121   15.674  1.00 27.02 ? 208 MET A CA 1 
ATOM 209 C CA . LYS A 1 209 ? 7.662   0.150   15.937  1.00 30.04 ? 209 LYS A CA 1 
ATOM 210 C CA . THR A 1 210 ? 7.811   3.363   14.040  1.00 21.94 ? 210 THR A CA 1 
ATOM 211 C CA . PHE A 1 211 ? 5.531   4.722   16.700  1.00 23.85 ? 211 PHE A CA 1 
ATOM 212 C CA . GLY A 1 212 ? 7.695   3.098   19.370  1.00 21.77 ? 212 GLY A CA 1 
ATOM 213 C CA . VAL A 1 213 ? 6.143   -0.105  20.721  1.00 29.02 ? 213 VAL A CA 1 
ATOM 214 C CA . GLU A 1 214 ? 7.338   -3.515  20.953  1.00 43.16 ? 214 GLU A CA 1 
ATOM 215 C CA . ILE A 1 215 ? 5.398   -6.618  20.534  1.00 35.51 ? 215 ILE A CA 1 
ATOM 216 C CA . GLU A 1 216 ? 6.916   -10.085 20.503  1.00 44.08 ? 216 GLU A CA 1 
ATOM 217 C CA . ASN A 1 217 ? 5.598   -11.988 17.457  1.00 48.90 ? 217 ASN A CA 1 
ATOM 218 C CA . GLN A 1 218 ? 6.408   -15.610 18.186  1.00 65.27 ? 218 GLN A CA 1 
ATOM 219 C CA . HIS A 1 219 ? 5.687   -16.925 14.841  1.00 73.68 ? 219 HIS A CA 1 
ATOM 220 C CA . TYR A 1 220 ? 2.182   -15.797 13.962  1.00 68.69 ? 220 TYR A CA 1 
ATOM 221 C CA . GLN A 1 221 ? 0.676   -17.984 16.605  1.00 62.86 ? 221 GLN A CA 1 
ATOM 222 C CA . GLN A 1 222 ? 1.097   -15.844 19.709  1.00 65.72 ? 222 GLN A CA 1 
ATOM 223 C CA . PHE A 1 223 ? 1.843   -12.168 20.084  1.00 57.03 ? 223 PHE A CA 1 
ATOM 224 C CA . VAL A 1 224 ? 3.006   -10.934 23.480  1.00 54.04 ? 224 VAL A CA 1 
ATOM 225 C CA . VAL A 1 225 ? 2.389   -7.302  24.236  1.00 44.72 ? 225 VAL A CA 1 
ATOM 226 C CA . LYS A 1 226 ? 3.364   -5.668  27.437  1.00 48.55 ? 226 LYS A CA 1 
ATOM 227 C CA . GLY A 1 227 ? 0.637   -3.439  28.736  1.00 29.48 ? 227 GLY A CA 1 
ATOM 228 C CA . GLY A 1 228 ? 1.583   -0.062  30.179  1.00 24.12 ? 228 GLY A CA 1 
ATOM 229 C CA . GLN A 1 229 ? 3.298   1.440   27.114  1.00 29.50 ? 229 GLN A CA 1 
ATOM 230 C CA . SER A 1 230 ? 2.788   4.676   25.118  1.00 36.03 ? 230 SER A CA 1 
ATOM 231 C CA . TYR A 1 231 ? 3.182   5.417   21.462  1.00 28.39 ? 231 TYR A CA 1 
ATOM 232 C CA . GLN A 1 232 ? 5.811   8.176   20.747  1.00 38.18 ? 232 GLN A CA 1 
ATOM 233 C CA . SER A 1 233 ? 5.846   10.410  17.727  1.00 26.20 ? 233 SER A CA 1 
ATOM 234 C CA . PRO A 1 234 ? 8.190   9.598   14.885  1.00 24.53 ? 234 PRO A CA 1 
ATOM 235 C CA . GLY A 1 235 ? 8.140   13.290  14.010  1.00 21.20 ? 235 GLY A CA 1 
ATOM 236 C CA . THR A 1 236 ? 7.257   12.649  10.396  1.00 22.70 ? 236 THR A CA 1 
ATOM 237 C CA . TYR A 1 237 ? 5.655   9.683   8.877   1.00 16.97 ? 237 TYR A CA 1 
ATOM 238 C CA . LEU A 1 238 ? 5.050   9.344   5.099   1.00 17.90 ? 238 LEU A CA 1 
ATOM 239 C CA . VAL A 1 239 ? 2.038   7.184   4.281   1.00 14.86 ? 239 VAL A CA 1 
ATOM 240 C CA . GLU A 1 240 ? 3.473   5.614   1.263   1.00 20.73 ? 240 GLU A CA 1 
ATOM 241 C CA . GLY A 1 241 ? 1.866   4.945   -1.998  1.00 21.41 ? 241 GLY A CA 1 
ATOM 242 C CA . ASP A 1 242 ? 2.146   1.678   -3.927  1.00 23.76 ? 242 ASP A CA 1 
ATOM 243 C CA . ALA A 1 243 ? 5.831   0.852   -4.651  1.00 27.90 ? 243 ALA A CA 1 
ATOM 244 C CA . SER A 1 244 ? 4.977   -1.186  -7.731  1.00 31.52 ? 244 SER A CA 1 
ATOM 245 C CA . SER A 1 245 ? 3.267   1.719   -9.635  1.00 26.76 ? 245 SER A CA 1 
ATOM 246 C CA . ALA A 1 246 ? 6.553   3.637   -9.123  1.00 19.90 ? 246 ALA A CA 1 
ATOM 247 C CA . SER A 1 247 ? 8.361   1.288   -11.429 1.00 15.48 ? 247 SER A CA 1 
ATOM 248 C CA . TYR A 1 248 ? 6.762   2.378   -14.698 1.00 14.06 ? 248 TYR A CA 1 
ATOM 249 C CA . PHE A 1 249 ? 7.777   5.934   -14.127 1.00 15.61 ? 249 PHE A CA 1 
ATOM 250 C CA . LEU A 1 250 ? 11.186  5.192   -12.917 1.00 12.88 ? 250 LEU A CA 1 
ATOM 251 C CA . ALA A 1 251 ? 11.957  2.766   -15.761 1.00 14.12 ? 251 ALA A CA 1 
ATOM 252 C CA . ALA A 1 252 ? 10.684  5.457   -18.139 1.00 13.92 ? 252 ALA A CA 1 
ATOM 253 C CA . ALA A 1 253 ? 13.369  8.018   -16.937 1.00 12.88 ? 253 ALA A CA 1 
ATOM 254 C CA . ALA A 1 254 ? 16.037  5.251   -17.111 1.00 8.67  ? 254 ALA A CA 1 
ATOM 255 C CA . ILE A 1 255 ? 14.961  4.791   -20.792 1.00 16.38 ? 255 ILE A CA 1 
ATOM 256 C CA . LYS A 1 256 ? 14.108  8.163   -22.236 1.00 17.92 ? 256 LYS A CA 1 
ATOM 257 C CA . GLY A 1 257 ? 16.107  10.104  -19.951 1.00 23.83 ? 257 GLY A CA 1 
ATOM 258 C CA . GLY A 1 258 ? 15.752  13.219  -18.033 1.00 12.05 ? 258 GLY A CA 1 
ATOM 259 C CA . THR A 1 259 ? 14.639  12.798  -14.423 1.00 19.27 ? 259 THR A CA 1 
ATOM 260 C CA . VAL A 1 260 ? 11.497  11.429  -12.856 1.00 19.01 ? 260 VAL A CA 1 
ATOM 261 C CA . LYS A 1 261 ? 10.955  11.942  -9.134  1.00 17.97 ? 261 LYS A CA 1 
ATOM 262 C CA . VAL A 1 262 ? 8.219   9.719   -7.795  1.00 15.32 ? 262 VAL A CA 1 
ATOM 263 C CA . THR A 1 263 ? 6.876   11.267  -4.572  1.00 18.43 ? 263 THR A CA 1 
ATOM 264 C CA . GLY A 1 264 ? 5.022   9.341   -1.978  1.00 20.97 ? 264 GLY A CA 1 
ATOM 265 C CA . ILE A 1 265 ? 7.536   6.514   -1.707  1.00 24.47 ? 265 ILE A CA 1 
ATOM 266 C CA . GLY A 1 266 ? 10.809  6.753   0.175   1.00 24.62 ? 266 GLY A CA 1 
ATOM 267 C CA . ARG A 1 267 ? 14.089  5.816   1.668   1.00 40.65 ? 267 ARG A CA 1 
ATOM 268 C CA . ASN A 1 268 ? 12.389  4.286   4.588   1.00 47.53 ? 268 ASN A CA 1 
ATOM 269 C CA . SER A 1 269 ? 10.106  1.964   2.579   1.00 37.37 ? 269 SER A CA 1 
ATOM 270 C CA . MET A 1 270 ? 9.407   -1.430  3.987   1.00 43.88 ? 270 MET A CA 1 
ATOM 271 C CA . GLN A 1 271 ? 7.713   -2.293  0.650   1.00 30.50 ? 271 GLN A CA 1 
ATOM 272 C CA . GLY A 1 272 ? 9.007   -5.167  -1.371  1.00 31.34 ? 272 GLY A CA 1 
ATOM 273 C CA . ASP A 1 273 ? 8.981   -3.626  -4.858  1.00 30.60 ? 273 ASP A CA 1 
ATOM 274 C CA . ILE A 1 274 ? 11.117  -0.584  -3.987  1.00 28.72 ? 274 ILE A CA 1 
ATOM 275 C CA . ARG A 1 275 ? 14.007  -3.091  -4.343  1.00 27.24 ? 275 ARG A CA 1 
ATOM 276 C CA . PHE A 1 276 ? 13.293  -2.743  -8.119  1.00 24.94 ? 276 PHE A CA 1 
ATOM 277 C CA . ALA A 1 277 ? 15.069  0.581   -8.008  1.00 17.82 ? 277 ALA A CA 1 
ATOM 278 C CA . ASP A 1 278 ? 18.156  -1.480  -7.213  1.00 33.27 ? 278 ASP A CA 1 
ATOM 279 C CA . VAL A 1 279 ? 17.577  -3.387  -10.481 1.00 25.18 ? 279 VAL A CA 1 
ATOM 280 C CA . LEU A 1 280 ? 17.549  -0.223  -12.657 1.00 26.47 ? 280 LEU A CA 1 
ATOM 281 C CA . GLU A 1 281 ? 20.554  1.049   -10.796 1.00 31.21 ? 281 GLU A CA 1 
ATOM 282 C CA . LYS A 1 282 ? 22.344  -2.222  -11.752 1.00 36.60 ? 282 LYS A CA 1 
ATOM 283 C CA . MET A 1 283 ? 21.164  -1.644  -15.339 1.00 28.62 ? 283 MET A CA 1 
ATOM 284 C CA . GLY A 1 284 ? 23.139  1.608   -15.288 1.00 20.36 ? 284 GLY A CA 1 
ATOM 285 C CA . ALA A 1 285 ? 20.486  4.166   -14.185 1.00 16.04 ? 285 ALA A CA 1 
ATOM 286 C CA . THR A 1 286 ? 21.284  6.552   -11.288 1.00 25.65 ? 286 THR A CA 1 
ATOM 287 C CA . ILE A 1 287 ? 18.886  6.133   -8.333  1.00 24.71 ? 287 ILE A CA 1 
ATOM 288 C CA . CYS A 1 288 ? 18.745  9.058   -5.956  1.00 24.10 ? 288 CYS A CA 1 
ATOM 289 C CA . TRP A 1 289 ? 16.700  8.127   -2.758  1.00 31.49 ? 289 TRP A CA 1 
ATOM 290 C CA . GLY A 1 290 ? 14.806  10.796  -0.683  1.00 35.76 ? 290 GLY A CA 1 
ATOM 291 C CA . ASP A 1 291 ? 12.464  11.100  2.249   1.00 45.05 ? 291 ASP A CA 1 
ATOM 292 C CA . ASP A 1 292 ? 9.215   11.286  0.512   1.00 35.33 ? 292 ASP A CA 1 
ATOM 293 C CA . TYR A 1 293 ? 10.777  10.548  -2.943  1.00 25.81 ? 293 TYR A CA 1 
ATOM 294 C CA . ILE A 1 294 ? 12.872  8.453   -5.153  1.00 28.03 ? 294 ILE A CA 1 
ATOM 295 C CA . SER A 1 295 ? 14.328  9.780   -8.470  1.00 21.38 ? 295 SER A CA 1 
ATOM 296 C CA . CYS A 1 296 ? 15.598  8.110   -11.543 1.00 22.49 ? 296 CYS A CA 1 
ATOM 297 C CA . THR A 1 297 ? 18.010  9.922   -13.949 1.00 23.32 ? 297 THR A CA 1 
ATOM 298 C CA . ARG A 1 298 ? 18.944  8.197   -17.260 1.00 17.31 ? 298 ARG A CA 1 
ATOM 299 C CA . GLY A 1 299 ? 22.408  6.780   -17.409 1.00 21.74 ? 299 GLY A CA 1 
ATOM 300 C CA . GLU A 1 300 ? 23.387  3.633   -19.277 1.00 39.92 ? 300 GLU A CA 1 
ATOM 301 C CA . LEU A 1 301 ? 20.836  0.740   -19.554 1.00 25.23 ? 301 LEU A CA 1 
ATOM 302 C CA . ASN A 1 302 ? 22.666  -2.501  -20.033 1.00 20.23 ? 302 ASN A CA 1 
ATOM 303 C CA . ALA A 1 303 ? 21.278  -6.023  -19.986 1.00 27.72 ? 303 ALA A CA 1 
ATOM 304 C CA . ILE A 1 304 ? 20.890  -8.160  -16.824 1.00 36.77 ? 304 ILE A CA 1 
ATOM 305 C CA . ASP A 1 305 ? 20.660  -11.746 -15.751 1.00 42.01 ? 305 ASP A CA 1 
ATOM 306 C CA . MET A 1 306 ? 18.931  -11.787 -12.492 1.00 36.88 ? 306 MET A CA 1 
ATOM 307 C CA . ASP A 1 307 ? 16.501  -13.728 -10.218 1.00 36.09 ? 307 ASP A CA 1 
ATOM 308 C CA . MET A 1 308 ? 13.409  -11.728 -10.178 1.00 30.15 ? 308 MET A CA 1 
ATOM 309 C CA . ASN A 1 309 ? 11.535  -14.087 -7.932  1.00 40.82 ? 309 ASN A CA 1 
ATOM 310 C CA . HIS A 1 310 ? 11.561  -11.508 -5.169  1.00 41.20 ? 310 HIS A CA 1 
ATOM 311 C CA . ILE A 1 311 ? 10.127  -8.624  -7.242  1.00 40.85 ? 311 ILE A CA 1 
ATOM 312 C CA . PRO A 1 312 ? 8.034   -10.446 -9.838  1.00 43.30 ? 312 PRO A CA 1 
ATOM 313 C CA . ASP A 1 313 ? 5.211   -7.885  -10.297 1.00 37.93 ? 313 ASP A CA 1 
ATOM 314 C CA . ALA A 1 314 ? 7.556   -5.000  -10.730 1.00 26.77 ? 314 ALA A CA 1 
ATOM 315 C CA . ALA A 1 315 ? 9.947   -7.308  -12.726 1.00 19.16 ? 315 ALA A CA 1 
ATOM 316 C CA . MET A 1 316 ? 7.315   -7.250  -15.505 1.00 20.67 ? 316 MET A CA 1 
ATOM 317 C CA . THR A 1 317 ? 8.503   -3.726  -15.999 1.00 19.29 ? 317 THR A CA 1 
ATOM 318 C CA . ILE A 1 318 ? 12.180  -4.920  -16.502 1.00 16.66 ? 318 ILE A CA 1 
ATOM 319 C CA . ALA A 1 319 ? 11.141  -7.156  -19.325 1.00 15.58 ? 319 ALA A CA 1 
ATOM 320 C CA . THR A 1 320 ? 9.799   -4.274  -21.493 1.00 22.10 ? 320 THR A CA 1 
ATOM 321 C CA . ALA A 1 321 ? 12.664  -1.986  -20.314 1.00 17.03 ? 321 ALA A CA 1 
ATOM 322 C CA . ALA A 1 322 ? 14.988  -4.653  -21.678 1.00 16.46 ? 322 ALA A CA 1 
ATOM 323 C CA . LEU A 1 323 ? 13.808  -3.805  -25.249 1.00 20.72 ? 323 LEU A CA 1 
ATOM 324 C CA . PHE A 1 324 ? 16.082  -0.803  -24.716 1.00 18.20 ? 324 PHE A CA 1 
ATOM 325 C CA . ALA A 1 325 ? 19.097  -2.371  -22.870 1.00 20.17 ? 325 ALA A CA 1 
ATOM 326 C CA . LYS A 1 326 ? 22.441  -3.105  -24.509 1.00 35.41 ? 326 LYS A CA 1 
ATOM 327 C CA . GLY A 1 327 ? 22.507  -6.943  -24.406 1.00 34.25 ? 327 GLY A CA 1 
ATOM 328 C CA . THR A 1 328 ? 20.296  -9.931  -23.616 1.00 33.85 ? 328 THR A CA 1 
ATOM 329 C CA . THR A 1 329 ? 18.194  -9.829  -20.400 1.00 31.81 ? 329 THR A CA 1 
ATOM 330 C CA . ARG A 1 330 ? 17.277  -13.122 -18.672 1.00 33.93 ? 330 ARG A CA 1 
ATOM 331 C CA . LEU A 1 331 ? 14.897  -12.741 -15.897 1.00 27.15 ? 331 LEU A CA 1 
ATOM 332 C CA . ARG A 1 332 ? 14.695  -15.865 -13.827 1.00 34.31 ? 332 ARG A CA 1 
ATOM 333 C CA . ASN A 1 333 ? 12.576  -17.710 -11.406 1.00 39.08 ? 333 ASN A CA 1 
ATOM 334 C CA . ILE A 1 334 ? 9.568   -16.059 -12.711 1.00 32.05 ? 334 ILE A CA 1 
ATOM 335 C CA . TYR A 1 335 ? 7.212   -19.144 -12.554 1.00 38.15 ? 335 TYR A CA 1 
ATOM 336 C CA . ASN A 1 336 ? 4.706   -17.105 -10.453 1.00 39.86 ? 336 ASN A CA 1 
ATOM 337 C CA . TRP A 1 337 ? 3.910   -15.068 -13.554 1.00 30.70 ? 337 TRP A CA 1 
ATOM 338 C CA . ARG A 1 338 ? 2.352   -18.272 -14.892 1.00 28.37 ? 338 ARG A CA 1 
ATOM 339 C CA . VAL A 1 339 ? -0.321  -18.106 -12.259 1.00 47.64 ? 339 VAL A CA 1 
ATOM 340 C CA . LYS A 1 340 ? -1.563  -14.499 -12.317 1.00 63.82 ? 340 LYS A CA 1 
ATOM 341 C CA . GLU A 1 341 ? -5.025  -14.986 -14.103 1.00 68.41 ? 341 GLU A CA 1 
ATOM 342 C CA . THR A 1 342 ? -3.414  -14.800 -17.560 1.00 50.24 ? 342 THR A CA 1 
ATOM 343 C CA . ASP A 1 343 ? 0.047   -16.561 -17.887 1.00 32.60 ? 343 ASP A CA 1 
ATOM 344 C CA . ARG A 1 344 ? 2.191   -13.429 -17.695 1.00 21.35 ? 344 ARG A CA 1 
ATOM 345 C CA . LEU A 1 345 ? 5.280   -15.173 -19.030 1.00 19.39 ? 345 LEU A CA 1 
ATOM 346 C CA . PHE A 1 346 ? 3.481   -16.551 -22.108 1.00 17.19 ? 346 PHE A CA 1 
ATOM 347 C CA . ALA A 1 347 ? 1.830   -13.181 -22.740 1.00 19.31 ? 347 ALA A CA 1 
ATOM 348 C CA . MET A 1 348 ? 5.012   -11.138 -22.074 1.00 25.88 ? 348 MET A CA 1 
ATOM 349 C CA . ALA A 1 349 ? 6.986   -13.437 -24.392 1.00 24.17 ? 349 ALA A CA 1 
ATOM 350 C CA . THR A 1 350 ? 4.204   -13.308 -27.103 1.00 20.07 ? 350 THR A CA 1 
ATOM 351 C CA . GLU A 1 351 ? 3.867   -9.539  -27.068 1.00 24.47 ? 351 GLU A CA 1 
ATOM 352 C CA . LEU A 1 352 ? 7.648   -8.834  -26.975 1.00 19.22 ? 352 LEU A CA 1 
ATOM 353 C CA . ARG A 1 353 ? 8.134   -10.747 -30.113 1.00 21.67 ? 353 ARG A CA 1 
ATOM 354 C CA . LYS A 1 354 ? 5.358   -8.654  -31.859 1.00 25.01 ? 354 LYS A CA 1 
ATOM 355 C CA . VAL A 1 355 ? 7.506   -5.577  -31.255 1.00 31.32 ? 355 VAL A CA 1 
ATOM 356 C CA . GLY A 1 356 ? 10.678  -7.196  -32.595 1.00 20.79 ? 356 GLY A CA 1 
ATOM 357 C CA . ALA A 1 357 ? 12.344  -8.765  -29.631 1.00 26.89 ? 357 ALA A CA 1 
ATOM 358 C CA . GLU A 1 358 ? 13.831  -12.270 -29.876 1.00 31.72 ? 358 GLU A CA 1 
ATOM 359 C CA . VAL A 1 359 ? 12.569  -14.063 -26.857 1.00 18.99 ? 359 VAL A CA 1 
ATOM 360 C CA . GLU A 1 360 ? 12.947  -17.406 -25.216 1.00 30.19 ? 360 GLU A CA 1 
ATOM 361 C CA . GLU A 1 361 ? 10.086  -18.332 -22.938 1.00 32.96 ? 361 GLU A CA 1 
ATOM 362 C CA . GLY A 1 362 ? 11.226  -20.879 -20.355 1.00 35.65 ? 362 GLY A CA 1 
ATOM 363 C CA . HIS A 1 363 ? 9.430   -22.869 -17.651 1.00 31.77 ? 363 HIS A CA 1 
ATOM 364 C CA . ASP A 1 364 ? 10.191  -20.027 -15.250 1.00 32.25 ? 364 ASP A CA 1 
ATOM 365 C CA . TYR A 1 365 ? 12.493  -17.568 -16.923 1.00 28.57 ? 365 TYR A CA 1 
ATOM 366 C CA . ILE A 1 366 ? 12.417  -15.321 -20.015 1.00 23.89 ? 366 ILE A CA 1 
ATOM 367 C CA . ARG A 1 367 ? 15.480  -14.323 -22.118 1.00 32.39 ? 367 ARG A CA 1 
ATOM 368 C CA . ILE A 1 368 ? 14.790  -11.166 -24.137 1.00 25.13 ? 368 ILE A CA 1 
ATOM 369 C CA . THR A 1 369 ? 17.126  -10.070 -26.867 1.00 27.55 ? 369 THR A CA 1 
ATOM 370 C CA . PRO A 1 370 ? 16.337  -6.606  -28.193 1.00 24.79 ? 370 PRO A CA 1 
ATOM 371 C CA . PRO A 1 371 ? 16.033  -5.525  -31.811 1.00 37.44 ? 371 PRO A CA 1 
ATOM 372 C CA . GLU A 1 372 ? 17.757  -2.576  -33.522 1.00 48.78 ? 372 GLU A CA 1 
ATOM 373 C CA . LYS A 1 373 ? 14.454  -0.942  -34.304 1.00 41.39 ? 373 LYS A CA 1 
ATOM 374 C CA . LEU A 1 374 ? 11.180  -1.818  -32.689 1.00 36.08 ? 374 LEU A CA 1 
ATOM 375 C CA . ASN A 1 375 ? 8.166   -2.550  -34.803 1.00 37.76 ? 375 ASN A CA 1 
ATOM 376 C CA . PHE A 1 376 ? 4.882   -0.764  -34.600 1.00 35.15 ? 376 PHE A CA 1 
ATOM 377 C CA . ALA A 1 377 ? 2.735   -3.457  -32.906 1.00 24.04 ? 377 ALA A CA 1 
ATOM 378 C CA . GLU A 1 378 ? -0.718  -3.957  -31.890 1.00 42.65 ? 378 GLU A CA 1 
ATOM 379 C CA . ILE A 1 379 ? -0.248  -5.431  -28.273 1.00 33.12 ? 379 ILE A CA 1 
ATOM 380 C CA . ALA A 1 380 ? -2.891  -7.548  -26.518 1.00 27.24 ? 380 ALA A CA 1 
ATOM 381 C CA . THR A 1 381 ? -3.083  -6.832  -22.812 1.00 24.33 ? 381 THR A CA 1 
ATOM 382 C CA . TYR A 1 382 ? -4.828  -10.153 -22.003 1.00 28.07 ? 382 TYR A CA 1 
ATOM 383 C CA . ASN A 1 383 ? -7.112  -8.562  -19.374 1.00 42.22 ? 383 ASN A CA 1 
ATOM 384 C CA . ASP A 1 384 ? -4.074  -7.799  -17.232 1.00 35.83 ? 384 ASP A CA 1 
ATOM 385 C CA . HIS A 1 385 ? -3.265  -4.292  -16.071 1.00 42.62 ? 385 HIS A CA 1 
ATOM 386 C CA . ARG A 1 386 ? 0.388   -4.392  -15.362 1.00 35.09 ? 386 ARG A CA 1 
ATOM 387 C CA . MET A 1 387 ? 0.451   -5.497  -19.150 1.00 26.15 ? 387 MET A CA 1 
ATOM 388 C CA . ALA A 1 388 ? -1.011  -2.317  -20.496 1.00 25.64 ? 388 ALA A CA 1 
ATOM 389 C CA . MET A 1 389 ? 1.317   -0.120  -18.352 1.00 22.85 ? 389 MET A CA 1 
ATOM 390 C CA . CYS A 1 390 ? 4.476   -2.087  -19.148 1.00 17.78 ? 390 CYS A CA 1 
ATOM 391 C CA . PHE A 1 391 ? 3.921   -1.788  -22.896 1.00 15.22 ? 391 PHE A CA 1 
ATOM 392 C CA . SER A 1 392 ? 3.203   1.946   -22.680 1.00 12.83 ? 392 SER A CA 1 
ATOM 393 C CA . LEU A 1 393 ? 7.051   1.989   -22.244 1.00 19.05 ? 393 LEU A CA 1 
ATOM 394 C CA . VAL A 1 394 ? 7.767   0.985   -25.823 1.00 25.98 ? 394 VAL A CA 1 
ATOM 395 C CA . ALA A 1 395 ? 6.515   4.415   -27.007 1.00 18.96 ? 395 ALA A CA 1 
ATOM 396 C CA . LEU A 1 396 ? 9.831   5.731   -25.572 1.00 28.19 ? 396 LEU A CA 1 
ATOM 397 C CA . SER A 1 397 ? 11.352  5.232   -28.995 1.00 34.40 ? 397 SER A CA 1 
ATOM 398 C CA . ASP A 1 398 ? 10.484  6.343   -32.447 1.00 38.21 ? 398 ASP A CA 1 
ATOM 399 C CA . THR A 1 399 ? 7.834   3.591   -32.922 1.00 34.55 ? 399 THR A CA 1 
ATOM 400 C CA . PRO A 1 400 ? 4.188   4.334   -31.825 1.00 25.94 ? 400 PRO A CA 1 
ATOM 401 C CA . VAL A 1 401 ? 2.369   1.617   -29.839 1.00 20.44 ? 401 VAL A CA 1 
ATOM 402 C CA . THR A 1 402 ? -1.212  0.472   -29.688 1.00 28.22 ? 402 THR A CA 1 
ATOM 403 C CA . ILE A 1 403 ? -2.330  -0.890  -26.294 1.00 25.40 ? 403 ILE A CA 1 
ATOM 404 C CA . LEU A 1 404 ? -5.380  -2.944  -27.195 1.00 34.93 ? 404 LEU A CA 1 
ATOM 405 C CA . ASP A 1 405 ? -8.028  -2.710  -24.528 1.00 49.37 ? 405 ASP A CA 1 
ATOM 406 C CA . PRO A 1 406 ? -6.444  -0.606  -21.770 1.00 55.11 ? 406 PRO A CA 1 
ATOM 407 C CA . LYS A 1 407 ? -9.244  -1.470  -19.180 1.00 73.52 ? 407 LYS A CA 1 
ATOM 408 C CA . CYS A 1 408 ? -7.618  0.900   -16.697 1.00 76.47 ? 408 CYS A CA 1 
ATOM 409 C CA . THR A 1 409 ? -9.658  0.771   -13.631 1.00 82.01 ? 409 THR A CA 1 
ATOM 410 C CA . ALA A 1 410 ? -7.369  -0.812  -11.052 1.00 76.36 ? 410 ALA A CA 1 
ATOM 411 C CA . LYS A 1 411 ? -4.152  1.302   -11.447 1.00 75.11 ? 411 LYS A CA 1 
ATOM 412 C CA . THR A 1 412 ? -5.685  4.566   -12.755 1.00 77.48 ? 412 THR A CA 1 
ATOM 413 C CA . PHE A 1 413 ? -4.766  6.555   -9.740  1.00 85.48 ? 413 PHE A CA 1 
ATOM 414 C CA . PRO A 1 414 ? -5.206  9.364   -11.819 1.00 83.62 ? 414 PRO A CA 1 
ATOM 415 C CA . ASP A 1 415 ? -5.012  7.619   -15.185 1.00 64.45 ? 415 ASP A CA 1 
ATOM 416 C CA . TYR A 1 416 ? -1.646  6.079   -15.621 1.00 39.02 ? 416 TYR A CA 1 
ATOM 417 C CA . PHE A 1 417 ? -1.893  7.390   -19.211 1.00 30.96 ? 417 PHE A CA 1 
ATOM 418 C CA . GLU A 1 418 ? -2.556  10.857  -18.023 1.00 40.30 ? 418 GLU A CA 1 
ATOM 419 C CA . GLN A 1 419 ? 0.220   10.616  -15.412 1.00 38.46 ? 419 GLN A CA 1 
ATOM 420 C CA . LEU A 1 420 ? 2.671   9.342   -18.086 1.00 25.99 ? 420 LEU A CA 1 
ATOM 421 C CA . ALA A 1 421 ? 1.520   12.116  -20.444 1.00 30.82 ? 421 ALA A CA 1 
ATOM 422 C CA . ARG A 1 422 ? 2.328   14.762  -17.811 1.00 43.23 ? 422 ARG A CA 1 
ATOM 423 C CA . ILE A 1 423 ? 5.914   13.659  -17.583 1.00 30.31 ? 423 ILE A CA 1 
ATOM 424 C CA . SER A 1 424 ? 6.243   13.156  -21.340 1.00 36.24 ? 424 SER A CA 1 
ATOM 425 C CA . GLN A 1 425 ? 7.432   15.294  -24.217 1.00 52.32 ? 425 GLN A CA 1 
ATOM 426 C CA . ALA A 1 426 ? 6.610   13.642  -27.621 1.00 58.57 ? 426 ALA A CA 1 
ATOM 427 C CA . ALA A 1 427 ? 8.751   14.235  -30.765 1.00 65.65 ? 427 ALA A CA 1 
# 
